data_7K72
#
_entry.id   7K72
#
_cell.length_a   50.940
_cell.length_b   63.810
_cell.length_c   120.730
_cell.angle_alpha   96.220
_cell.angle_beta   89.550
_cell.angle_gamma   111.970
#
_symmetry.space_group_name_H-M   'P 1'
#
loop_
_entity.id
_entity.type
_entity.pdbx_description
1 polymer 'DNA ligase A'
2 non-polymer NICOTINAMIDE-ADENINE-DINUCLEOTIDE
3 non-polymer 'MAGNESIUM ION'
4 non-polymer 'CALCIUM ION'
5 non-polymer (4S)-2-METHYL-2,4-PENTANEDIOL
6 water water
#
_entity_poly.entity_id   1
_entity_poly.type   'polypeptide(L)'
_entity_poly.pdbx_seq_one_letter_code
;MAHHHHHHMSSPDADQTAPEVLRQWQALAEEVREHQFRYYVRDAPIISDAEFDELLRRLEALEEQHPELRTPDSPTQLVG
GAGFATDFEPVDHLERMLSLDNAFTADELAAWAGRIHAEVGDAAHYLCELKIDGVALSLVYREGRLTRASTRGDGRTGED
VTLNARTIADVPERLTPGDDYPVPEVLEVRGEVFFRLDDFQALNASLVEEGKAPFANPRNSAAGSLRQKDPAVTARRRLR
MICHGLGHVEGFRPATLHQAYLALRAWGLPVSEHTTLATDLAGVRERIDYWGEHRHEVDHEIDGVVVKVDEVALQRRLGS
TSRAPRWAIAYKYPPE
;
_entity_poly.pdbx_strand_id   A,B,C,D
#
# COMPACT_ATOMS: atom_id res chain seq x y z
N THR A 17 -23.09 44.30 -5.17
CA THR A 17 -22.52 45.36 -4.36
C THR A 17 -21.07 45.58 -4.73
N ALA A 18 -20.75 46.76 -5.30
CA ALA A 18 -19.38 47.09 -5.63
C ALA A 18 -18.41 46.88 -4.47
N PRO A 19 -18.72 47.28 -3.22
CA PRO A 19 -17.83 46.89 -2.11
C PRO A 19 -17.65 45.38 -1.97
N GLU A 20 -18.76 44.63 -1.94
CA GLU A 20 -18.70 43.19 -1.74
C GLU A 20 -17.97 42.46 -2.86
N VAL A 21 -18.17 42.89 -4.11
CA VAL A 21 -17.54 42.20 -5.23
C VAL A 21 -16.03 42.39 -5.18
N LEU A 22 -15.59 43.58 -4.77
CA LEU A 22 -14.18 43.90 -4.68
C LEU A 22 -13.48 43.07 -3.61
N ARG A 23 -14.08 42.95 -2.41
CA ARG A 23 -13.51 42.09 -1.38
C ARG A 23 -13.43 40.65 -1.86
N GLN A 24 -14.46 40.20 -2.57
CA GLN A 24 -14.45 38.87 -3.16
C GLN A 24 -13.28 38.70 -4.13
N TRP A 25 -13.05 39.71 -5.00
CA TRP A 25 -11.91 39.65 -5.90
C TRP A 25 -10.60 39.61 -5.12
N GLN A 26 -10.48 40.48 -4.10
CA GLN A 26 -9.26 40.56 -3.31
C GLN A 26 -8.95 39.22 -2.62
N ALA A 27 -9.95 38.60 -1.99
CA ALA A 27 -9.70 37.31 -1.34
C ALA A 27 -9.26 36.25 -2.35
N LEU A 28 -9.93 36.18 -3.50
CA LEU A 28 -9.60 35.18 -4.50
C LEU A 28 -8.23 35.43 -5.11
N ALA A 29 -7.91 36.70 -5.43
CA ALA A 29 -6.60 36.99 -5.99
C ALA A 29 -5.49 36.65 -5.01
N GLU A 30 -5.68 37.00 -3.72
CA GLU A 30 -4.67 36.68 -2.72
C GLU A 30 -4.49 35.17 -2.57
N GLU A 31 -5.58 34.42 -2.61
CA GLU A 31 -5.50 32.96 -2.54
C GLU A 31 -4.74 32.39 -3.74
N VAL A 32 -5.08 32.86 -4.94
CA VAL A 32 -4.36 32.40 -6.14
C VAL A 32 -2.87 32.70 -6.00
N ARG A 33 -2.52 33.90 -5.54
CA ARG A 33 -1.12 34.27 -5.41
C ARG A 33 -0.40 33.40 -4.38
N GLU A 34 -1.09 33.07 -3.27
CA GLU A 34 -0.50 32.19 -2.27
C GLU A 34 -0.09 30.86 -2.89
N HIS A 35 -0.99 30.26 -3.67
CA HIS A 35 -0.68 28.95 -4.25
C HIS A 35 0.38 29.05 -5.33
N GLN A 36 0.39 30.16 -6.08
CA GLN A 36 1.48 30.37 -7.04
C GLN A 36 2.82 30.45 -6.31
N PHE A 37 2.86 31.16 -5.18
CA PHE A 37 4.09 31.16 -4.38
C PHE A 37 4.47 29.76 -3.95
N ARG A 38 3.53 29.01 -3.38
CA ARG A 38 3.84 27.67 -2.89
C ARG A 38 4.35 26.76 -4.02
N TYR A 39 3.77 26.90 -5.20
CA TYR A 39 4.12 26.06 -6.34
C TYR A 39 5.44 26.52 -6.94
N TYR A 40 5.53 27.79 -7.35
CA TYR A 40 6.69 28.26 -8.11
C TYR A 40 7.92 28.53 -7.27
N VAL A 41 7.76 28.99 -6.03
CA VAL A 41 8.91 29.35 -5.22
C VAL A 41 9.33 28.19 -4.33
N ARG A 42 8.37 27.52 -3.71
CA ARG A 42 8.67 26.48 -2.75
CA ARG A 42 8.68 26.48 -2.75
C ARG A 42 8.60 25.08 -3.33
N ASP A 43 8.06 24.91 -4.55
CA ASP A 43 7.80 23.57 -5.11
C ASP A 43 7.09 22.67 -4.09
N ALA A 44 6.15 23.28 -3.35
CA ALA A 44 5.46 22.59 -2.27
C ALA A 44 4.01 23.09 -2.22
N PRO A 45 3.23 22.79 -3.25
CA PRO A 45 1.81 23.21 -3.22
C PRO A 45 1.07 22.52 -2.09
N ILE A 46 -0.04 23.13 -1.70
CA ILE A 46 -0.89 22.60 -0.63
CA ILE A 46 -0.90 22.59 -0.65
C ILE A 46 -2.25 22.14 -1.16
N ILE A 47 -2.59 22.47 -2.40
CA ILE A 47 -3.79 21.98 -3.05
C ILE A 47 -3.36 21.36 -4.38
N SER A 48 -4.28 20.60 -4.96
CA SER A 48 -4.03 19.93 -6.22
C SER A 48 -4.05 20.93 -7.38
N ASP A 49 -3.45 20.53 -8.50
CA ASP A 49 -3.47 21.38 -9.69
C ASP A 49 -4.89 21.64 -10.14
N ALA A 50 -5.74 20.61 -10.09
CA ALA A 50 -7.13 20.79 -10.50
C ALA A 50 -7.84 21.83 -9.63
N GLU A 51 -7.61 21.78 -8.31
CA GLU A 51 -8.19 22.80 -7.43
C GLU A 51 -7.63 24.17 -7.74
N PHE A 52 -6.33 24.26 -7.99
CA PHE A 52 -5.77 25.55 -8.37
C PHE A 52 -6.43 26.08 -9.64
N ASP A 53 -6.54 25.22 -10.67
CA ASP A 53 -7.11 25.65 -11.93
C ASP A 53 -8.53 26.19 -11.77
N GLU A 54 -9.32 25.57 -10.88
CA GLU A 54 -10.68 26.05 -10.64
C GLU A 54 -10.67 27.41 -9.96
N LEU A 55 -9.78 27.63 -8.98
CA LEU A 55 -9.63 28.95 -8.38
C LEU A 55 -9.30 29.99 -9.44
N LEU A 56 -8.34 29.69 -10.32
CA LEU A 56 -7.97 30.68 -11.33
C LEU A 56 -9.12 30.94 -12.29
N ARG A 57 -9.87 29.89 -12.65
CA ARG A 57 -11.02 30.09 -13.52
C ARG A 57 -12.08 30.93 -12.83
N ARG A 58 -12.25 30.73 -11.52
CA ARG A 58 -13.20 31.53 -10.77
CA ARG A 58 -13.19 31.53 -10.75
C ARG A 58 -12.79 33.00 -10.80
N LEU A 59 -11.51 33.29 -10.59
CA LEU A 59 -11.06 34.67 -10.63
C LEU A 59 -11.34 35.29 -11.98
N GLU A 60 -11.00 34.57 -13.07
CA GLU A 60 -11.24 35.09 -14.42
C GLU A 60 -12.72 35.36 -14.66
N ALA A 61 -13.60 34.46 -14.20
CA ALA A 61 -15.03 34.65 -14.39
C ALA A 61 -15.53 35.87 -13.61
N LEU A 62 -14.95 36.10 -12.43
CA LEU A 62 -15.32 37.29 -11.67
C LEU A 62 -14.93 38.55 -12.43
N GLU A 63 -13.75 38.54 -13.07
CA GLU A 63 -13.30 39.70 -13.82
C GLU A 63 -14.12 39.88 -15.10
N GLU A 64 -14.49 38.78 -15.76
CA GLU A 64 -15.32 38.91 -16.95
C GLU A 64 -16.68 39.49 -16.61
N GLN A 65 -17.23 39.07 -15.46
CA GLN A 65 -18.53 39.55 -15.02
C GLN A 65 -18.47 41.00 -14.53
N HIS A 66 -17.36 41.43 -13.91
CA HIS A 66 -17.24 42.79 -13.40
C HIS A 66 -16.00 43.44 -13.99
N PRO A 67 -16.13 44.12 -15.12
CA PRO A 67 -14.95 44.68 -15.80
C PRO A 67 -14.14 45.65 -14.97
N GLU A 68 -14.75 46.35 -14.01
CA GLU A 68 -13.96 47.24 -13.17
C GLU A 68 -12.89 46.48 -12.37
N LEU A 69 -13.03 45.17 -12.22
CA LEU A 69 -12.01 44.37 -11.53
C LEU A 69 -10.81 44.07 -12.42
N ARG A 70 -10.89 44.30 -13.73
CA ARG A 70 -9.74 44.03 -14.59
C ARG A 70 -8.59 44.93 -14.17
N THR A 71 -7.51 44.32 -13.68
CA THR A 71 -6.39 45.11 -13.24
C THR A 71 -5.14 44.49 -13.84
N PRO A 72 -4.15 45.29 -14.22
CA PRO A 72 -3.09 44.76 -15.10
C PRO A 72 -2.24 43.68 -14.46
N ASP A 73 -2.09 43.65 -13.15
CA ASP A 73 -1.26 42.67 -12.47
C ASP A 73 -2.08 41.58 -11.81
N SER A 74 -3.32 41.40 -12.23
CA SER A 74 -4.10 40.26 -11.80
C SER A 74 -3.39 38.97 -12.19
N PRO A 75 -3.55 37.90 -11.42
CA PRO A 75 -3.01 36.61 -11.87
C PRO A 75 -3.54 36.17 -13.21
N THR A 76 -4.72 36.69 -13.65
CA THR A 76 -5.23 36.34 -14.96
C THR A 76 -4.42 36.91 -16.12
N GLN A 77 -3.49 37.86 -15.88
CA GLN A 77 -2.75 38.45 -16.98
C GLN A 77 -1.25 38.16 -16.95
N LEU A 78 -0.74 37.53 -15.90
CA LEU A 78 0.70 37.41 -15.70
C LEU A 78 1.16 35.96 -15.82
N VAL A 79 2.46 35.80 -16.10
CA VAL A 79 3.07 34.49 -16.03
C VAL A 79 3.16 34.07 -14.57
N GLY A 80 2.62 32.89 -14.26
CA GLY A 80 2.71 32.35 -12.91
C GLY A 80 4.14 32.30 -12.42
N GLY A 81 4.38 32.92 -11.28
CA GLY A 81 5.72 33.17 -10.79
C GLY A 81 6.04 34.65 -10.74
N ALA A 82 5.29 35.48 -11.44
CA ALA A 82 5.51 36.92 -11.36
C ALA A 82 5.29 37.41 -9.93
N GLY A 83 6.10 38.39 -9.55
CA GLY A 83 5.92 39.14 -8.31
C GLY A 83 6.59 38.56 -7.09
N PHE A 84 7.36 37.49 -7.22
CA PHE A 84 8.00 36.86 -6.08
C PHE A 84 9.51 37.07 -6.17
N ALA A 85 10.16 37.11 -5.02
CA ALA A 85 11.61 37.13 -4.94
C ALA A 85 12.11 35.73 -4.58
N THR A 86 13.33 35.38 -5.02
CA THR A 86 13.90 34.11 -4.57
C THR A 86 15.36 34.27 -4.22
N ASP A 87 15.93 33.18 -3.70
CA ASP A 87 17.31 33.06 -3.25
C ASP A 87 18.30 32.82 -4.39
N PHE A 88 17.83 32.59 -5.60
CA PHE A 88 18.72 32.36 -6.73
C PHE A 88 19.14 33.67 -7.37
N GLU A 89 20.21 33.63 -8.16
CA GLU A 89 20.61 34.83 -8.93
C GLU A 89 19.60 35.09 -10.04
N PRO A 90 19.04 36.29 -10.11
CA PRO A 90 18.13 36.59 -11.21
C PRO A 90 18.90 36.72 -12.51
N VAL A 91 18.27 36.30 -13.59
CA VAL A 91 18.88 36.46 -14.92
C VAL A 91 17.76 36.72 -15.93
N ASP A 92 17.95 37.73 -16.78
CA ASP A 92 16.96 38.08 -17.79
C ASP A 92 17.02 37.08 -18.94
N HIS A 93 15.85 36.61 -19.37
CA HIS A 93 15.79 35.83 -20.60
C HIS A 93 16.15 36.72 -21.80
N LEU A 94 16.50 36.07 -22.91
CA LEU A 94 16.77 36.82 -24.13
C LEU A 94 15.49 37.16 -24.88
N GLU A 95 14.46 36.35 -24.70
CA GLU A 95 13.12 36.58 -25.21
C GLU A 95 12.14 36.17 -24.11
N ARG A 96 10.95 36.77 -24.11
CA ARG A 96 9.94 36.44 -23.10
C ARG A 96 9.66 34.94 -23.09
N MET A 97 9.46 34.40 -21.90
CA MET A 97 9.23 32.98 -21.72
C MET A 97 7.82 32.82 -21.13
N LEU A 98 6.89 32.26 -21.89
CA LEU A 98 5.48 32.44 -21.54
C LEU A 98 4.88 31.15 -20.99
N SER A 99 3.64 31.28 -20.57
CA SER A 99 2.80 30.16 -20.18
C SER A 99 2.07 29.62 -21.42
N LEU A 100 0.98 28.87 -21.21
CA LEU A 100 0.10 28.39 -22.28
C LEU A 100 -1.33 28.58 -21.82
N ASP A 101 -2.19 28.99 -22.73
CA ASP A 101 -3.60 28.93 -22.38
C ASP A 101 -4.10 27.49 -22.49
N ASN A 102 -5.24 27.24 -21.87
CA ASN A 102 -5.74 25.88 -21.70
C ASN A 102 -7.05 25.68 -22.44
N ALA A 103 -7.27 24.44 -22.88
CA ALA A 103 -8.58 23.96 -23.27
C ALA A 103 -8.90 22.75 -22.40
N PHE A 104 -10.04 22.80 -21.71
CA PHE A 104 -10.43 21.69 -20.87
C PHE A 104 -11.56 20.87 -21.48
N THR A 105 -12.14 21.35 -22.57
CA THR A 105 -13.25 20.68 -23.21
C THR A 105 -13.01 20.69 -24.71
N ALA A 106 -13.81 19.90 -25.41
CA ALA A 106 -13.78 19.91 -26.87
C ALA A 106 -14.19 21.28 -27.40
N ASP A 107 -15.17 21.93 -26.74
CA ASP A 107 -15.63 23.23 -27.21
C ASP A 107 -14.52 24.27 -27.10
N GLU A 108 -13.76 24.25 -26.00
CA GLU A 108 -12.69 25.22 -25.87
C GLU A 108 -11.59 24.96 -26.90
N LEU A 109 -11.33 23.68 -27.22
CA LEU A 109 -10.38 23.34 -28.27
C LEU A 109 -10.86 23.83 -29.64
N ALA A 110 -12.12 23.58 -29.95
CA ALA A 110 -12.65 23.98 -31.25
C ALA A 110 -12.74 25.49 -31.37
N ALA A 111 -13.03 26.19 -30.27
CA ALA A 111 -13.04 27.65 -30.30
C ALA A 111 -11.65 28.19 -30.63
N TRP A 112 -10.61 27.58 -30.07
CA TRP A 112 -9.25 27.98 -30.40
C TRP A 112 -8.94 27.74 -31.86
N ALA A 113 -9.24 26.54 -32.36
CA ALA A 113 -8.92 26.21 -33.74
C ALA A 113 -9.70 27.10 -34.70
N GLY A 114 -10.95 27.42 -34.37
CA GLY A 114 -11.69 28.36 -35.20
C GLY A 114 -11.01 29.72 -35.26
N ARG A 115 -10.53 30.20 -34.12
CA ARG A 115 -9.86 31.49 -34.10
CA ARG A 115 -9.84 31.49 -34.07
C ARG A 115 -8.56 31.45 -34.91
N ILE A 116 -7.79 30.36 -34.83
CA ILE A 116 -6.64 30.20 -35.72
C ILE A 116 -7.08 30.28 -37.17
N HIS A 117 -8.09 29.48 -37.52
CA HIS A 117 -8.56 29.41 -38.90
C HIS A 117 -9.09 30.77 -39.35
N ALA A 118 -9.73 31.51 -38.45
CA ALA A 118 -10.27 32.82 -38.84
C ALA A 118 -9.15 33.81 -39.15
N GLU A 119 -7.98 33.65 -38.52
CA GLU A 119 -6.92 34.63 -38.72
C GLU A 119 -5.91 34.24 -39.79
N VAL A 120 -5.54 32.96 -39.87
CA VAL A 120 -4.50 32.52 -40.80
C VAL A 120 -4.99 31.47 -41.79
N GLY A 121 -6.24 31.02 -41.70
CA GLY A 121 -6.78 30.14 -42.72
C GLY A 121 -6.36 28.68 -42.62
N ASP A 122 -6.57 27.96 -43.73
CA ASP A 122 -6.26 26.54 -43.83
C ASP A 122 -4.78 26.27 -43.97
N ALA A 123 -3.97 27.30 -44.14
CA ALA A 123 -2.54 27.10 -44.37
C ALA A 123 -1.86 26.59 -43.11
N ALA A 124 -2.41 26.84 -41.94
CA ALA A 124 -1.77 26.38 -40.72
C ALA A 124 -1.82 24.86 -40.63
N HIS A 125 -0.69 24.25 -40.29
CA HIS A 125 -0.61 22.88 -39.83
C HIS A 125 -0.37 22.92 -38.32
N TYR A 126 -0.68 21.82 -37.65
CA TYR A 126 -0.72 21.78 -36.19
C TYR A 126 0.21 20.70 -35.65
N LEU A 127 1.25 21.12 -34.96
CA LEU A 127 2.13 20.20 -34.27
C LEU A 127 1.49 19.81 -32.95
N CYS A 128 1.42 18.50 -32.70
CA CYS A 128 0.79 17.95 -31.51
C CYS A 128 1.86 17.29 -30.66
N GLU A 129 2.10 17.84 -29.48
CA GLU A 129 3.13 17.35 -28.58
C GLU A 129 2.51 16.96 -27.25
N LEU A 130 3.12 15.97 -26.61
CA LEU A 130 2.78 15.65 -25.24
C LEU A 130 3.16 16.83 -24.35
N LYS A 131 2.25 17.20 -23.45
CA LYS A 131 2.50 18.25 -22.47
C LYS A 131 3.14 17.60 -21.27
N ILE A 132 4.42 17.85 -21.06
CA ILE A 132 5.14 17.19 -19.96
C ILE A 132 4.86 17.94 -18.68
N ASP A 133 4.51 17.23 -17.61
CA ASP A 133 4.23 17.86 -16.33
C ASP A 133 5.54 17.94 -15.54
N GLY A 134 6.41 18.84 -15.98
CA GLY A 134 7.72 19.03 -15.37
C GLY A 134 7.92 20.49 -14.97
N VAL A 135 9.19 20.92 -14.98
CA VAL A 135 9.56 22.30 -14.67
C VAL A 135 10.21 22.91 -15.91
N ALA A 136 9.85 24.16 -16.22
CA ALA A 136 10.36 24.79 -17.43
C ALA A 136 11.83 25.17 -17.24
N LEU A 137 12.59 25.04 -18.31
CA LEU A 137 14.00 25.40 -18.31
C LEU A 137 14.34 26.08 -19.63
N SER A 138 15.15 27.13 -19.56
CA SER A 138 15.62 27.82 -20.75
C SER A 138 17.14 27.73 -20.80
N LEU A 139 17.68 27.28 -21.94
CA LEU A 139 19.11 27.13 -22.14
C LEU A 139 19.58 28.14 -23.18
N VAL A 140 20.75 28.73 -22.94
CA VAL A 140 21.39 29.61 -23.91
C VAL A 140 22.71 29.01 -24.35
N TYR A 141 22.82 28.76 -25.65
CA TYR A 141 24.06 28.34 -26.29
C TYR A 141 24.61 29.51 -27.09
N ARG A 142 25.86 29.87 -26.83
CA ARG A 142 26.57 30.90 -27.57
C ARG A 142 27.69 30.23 -28.36
N GLU A 143 27.64 30.36 -29.68
CA GLU A 143 28.57 29.68 -30.56
C GLU A 143 28.70 28.20 -30.19
N GLY A 144 27.57 27.60 -29.82
CA GLY A 144 27.52 26.17 -29.58
C GLY A 144 27.82 25.71 -28.18
N ARG A 145 28.21 26.61 -27.27
CA ARG A 145 28.56 26.27 -25.90
C ARG A 145 27.45 26.70 -24.95
N LEU A 146 27.06 25.82 -24.03
CA LEU A 146 26.07 26.20 -23.05
C LEU A 146 26.65 27.26 -22.12
N THR A 147 26.06 28.46 -22.10
CA THR A 147 26.53 29.52 -21.24
C THR A 147 25.59 29.87 -20.10
N ARG A 148 24.32 29.49 -20.17
CA ARG A 148 23.38 29.82 -19.10
CA ARG A 148 23.47 29.67 -19.01
C ARG A 148 22.18 28.89 -19.17
N ALA A 149 21.56 28.63 -18.03
CA ALA A 149 20.30 27.91 -17.92
C ALA A 149 19.48 28.60 -16.84
N SER A 150 18.20 28.81 -17.08
CA SER A 150 17.39 29.58 -16.14
CA SER A 150 17.39 29.59 -16.15
C SER A 150 15.99 29.02 -16.05
N THR A 151 15.38 29.19 -14.88
CA THR A 151 13.97 28.86 -14.75
C THR A 151 13.14 29.96 -15.41
N ARG A 152 11.84 29.70 -15.57
CA ARG A 152 10.99 30.70 -16.20
C ARG A 152 10.94 31.99 -15.38
N GLY A 153 10.82 31.86 -14.05
CA GLY A 153 10.69 33.06 -13.23
C GLY A 153 9.40 33.79 -13.58
N ASP A 154 9.49 35.10 -13.80
CA ASP A 154 8.26 35.85 -14.11
C ASP A 154 8.01 36.00 -15.61
N GLY A 155 8.73 35.24 -16.44
CA GLY A 155 8.59 35.35 -17.88
C GLY A 155 9.59 36.28 -18.53
N ARG A 156 10.06 37.28 -17.79
CA ARG A 156 11.13 38.15 -18.25
C ARG A 156 12.46 37.82 -17.60
N THR A 157 12.44 37.51 -16.30
CA THR A 157 13.63 37.29 -15.50
C THR A 157 13.47 35.95 -14.80
N GLY A 158 14.50 35.09 -14.94
CA GLY A 158 14.50 33.77 -14.35
C GLY A 158 15.53 33.63 -13.24
N GLU A 159 15.70 32.39 -12.79
CA GLU A 159 16.64 32.05 -11.75
C GLU A 159 17.79 31.29 -12.39
N ASP A 160 19.01 31.66 -12.04
CA ASP A 160 20.19 31.03 -12.62
C ASP A 160 20.34 29.62 -12.01
N VAL A 161 20.18 28.60 -12.84
CA VAL A 161 20.42 27.23 -12.44
C VAL A 161 21.36 26.59 -13.45
N THR A 162 22.32 27.38 -13.95
CA THR A 162 23.23 26.87 -14.98
C THR A 162 24.01 25.66 -14.47
N LEU A 163 24.61 25.74 -13.27
CA LEU A 163 25.37 24.60 -12.76
C LEU A 163 24.49 23.37 -12.56
N ASN A 164 23.24 23.56 -12.14
CA ASN A 164 22.32 22.43 -11.99
C ASN A 164 22.02 21.81 -13.35
N ALA A 165 21.78 22.65 -14.36
CA ALA A 165 21.44 22.13 -15.67
C ALA A 165 22.60 21.38 -16.29
N ARG A 166 23.84 21.81 -16.02
CA ARG A 166 24.98 21.10 -16.59
C ARG A 166 25.04 19.65 -16.12
N THR A 167 24.46 19.33 -14.95
CA THR A 167 24.49 17.95 -14.46
C THR A 167 23.47 17.04 -15.13
N ILE A 168 22.51 17.58 -15.87
CA ILE A 168 21.49 16.76 -16.52
C ILE A 168 22.08 16.07 -17.75
N ALA A 169 22.03 14.73 -17.78
CA ALA A 169 22.70 14.00 -18.85
C ALA A 169 22.13 14.36 -20.23
N ASP A 170 20.83 14.59 -20.31
CA ASP A 170 20.21 14.98 -21.58
C ASP A 170 20.67 16.36 -22.08
N VAL A 171 21.27 17.21 -21.24
CA VAL A 171 21.62 18.58 -21.60
C VAL A 171 23.10 18.59 -22.04
N PRO A 172 23.40 18.82 -23.32
CA PRO A 172 24.81 18.84 -23.75
C PRO A 172 25.50 20.17 -23.45
N GLU A 173 26.82 20.05 -23.18
CA GLU A 173 27.66 21.22 -22.97
CA GLU A 173 27.64 21.24 -22.96
C GLU A 173 27.93 21.96 -24.27
N ARG A 174 27.96 21.24 -25.39
CA ARG A 174 28.29 21.78 -26.70
C ARG A 174 27.37 21.18 -27.74
N LEU A 175 26.96 22.01 -28.69
CA LEU A 175 26.15 21.53 -29.80
C LEU A 175 27.05 20.88 -30.84
N THR A 176 26.55 19.82 -31.47
CA THR A 176 27.30 19.16 -32.54
C THR A 176 26.92 19.79 -33.88
N PRO A 177 27.84 20.47 -34.57
CA PRO A 177 27.50 21.08 -35.86
C PRO A 177 27.11 20.03 -36.90
N GLY A 178 26.10 20.38 -37.70
CA GLY A 178 25.71 19.59 -38.84
C GLY A 178 26.05 20.27 -40.15
N ASP A 179 26.21 19.51 -41.24
CA ASP A 179 26.43 20.15 -42.53
C ASP A 179 25.18 20.90 -42.98
N ASP A 180 24.00 20.35 -42.70
CA ASP A 180 22.76 21.03 -43.04
C ASP A 180 22.38 22.11 -42.03
N TYR A 181 22.89 22.03 -40.81
CA TYR A 181 22.52 22.94 -39.73
C TYR A 181 23.78 23.46 -39.04
N PRO A 182 24.34 24.57 -39.53
CA PRO A 182 25.45 25.19 -38.80
C PRO A 182 24.98 25.63 -37.42
N VAL A 183 25.92 25.66 -36.49
CA VAL A 183 25.58 26.02 -35.11
C VAL A 183 25.23 27.52 -35.08
N PRO A 184 24.12 27.91 -34.46
CA PRO A 184 23.79 29.34 -34.44
C PRO A 184 24.75 30.11 -33.54
N GLU A 185 24.95 31.39 -33.89
CA GLU A 185 25.69 32.28 -33.00
C GLU A 185 25.04 32.36 -31.62
N VAL A 186 23.71 32.43 -31.55
CA VAL A 186 22.98 32.41 -30.29
C VAL A 186 21.77 31.50 -30.46
N LEU A 187 21.59 30.57 -29.53
CA LEU A 187 20.42 29.70 -29.50
C LEU A 187 19.89 29.70 -28.07
N GLU A 188 18.69 30.26 -27.88
CA GLU A 188 17.95 30.14 -26.61
C GLU A 188 16.86 29.09 -26.85
N VAL A 189 16.95 27.96 -26.16
CA VAL A 189 16.01 26.88 -26.38
C VAL A 189 15.32 26.54 -25.06
N ARG A 190 14.02 26.29 -25.12
CA ARG A 190 13.20 26.05 -23.95
C ARG A 190 12.74 24.59 -23.95
N GLY A 191 12.56 24.05 -22.77
CA GLY A 191 12.14 22.67 -22.66
C GLY A 191 11.65 22.38 -21.27
N GLU A 192 11.37 21.10 -21.03
CA GLU A 192 10.83 20.64 -19.76
C GLU A 192 11.84 19.71 -19.10
N VAL A 193 12.10 19.95 -17.81
CA VAL A 193 12.92 19.06 -17.01
C VAL A 193 11.96 18.21 -16.17
N PHE A 194 12.23 16.92 -16.09
CA PHE A 194 11.28 15.99 -15.47
C PHE A 194 12.02 14.74 -15.04
N PHE A 195 11.31 13.92 -14.24
CA PHE A 195 11.75 12.57 -13.87
C PHE A 195 10.88 11.56 -14.60
N ARG A 196 11.47 10.46 -15.04
CA ARG A 196 10.65 9.31 -15.37
C ARG A 196 9.93 8.85 -14.11
N LEU A 197 8.75 8.24 -14.30
CA LEU A 197 7.87 7.96 -13.17
C LEU A 197 8.52 7.00 -12.19
N ASP A 198 9.24 6.00 -12.68
CA ASP A 198 9.89 5.08 -11.76
C ASP A 198 10.98 5.79 -10.95
N ASP A 199 11.75 6.68 -11.60
CA ASP A 199 12.76 7.44 -10.85
C ASP A 199 12.11 8.38 -9.85
N PHE A 200 10.97 8.97 -10.22
CA PHE A 200 10.25 9.82 -9.27
C PHE A 200 9.85 9.02 -8.03
N GLN A 201 9.32 7.82 -8.22
CA GLN A 201 8.91 7.03 -7.05
C GLN A 201 10.12 6.58 -6.24
N ALA A 202 11.21 6.21 -6.92
CA ALA A 202 12.42 5.79 -6.22
C ALA A 202 12.97 6.92 -5.36
N LEU A 203 12.98 8.15 -5.87
CA LEU A 203 13.48 9.26 -5.06
C LEU A 203 12.59 9.50 -3.85
N ASN A 204 11.27 9.43 -4.02
CA ASN A 204 10.37 9.64 -2.89
C ASN A 204 10.59 8.57 -1.82
N ALA A 205 10.70 7.30 -2.23
CA ALA A 205 10.95 6.25 -1.25
C ALA A 205 12.32 6.44 -0.59
N SER A 206 13.29 6.90 -1.36
CA SER A 206 14.62 7.17 -0.80
C SER A 206 14.53 8.29 0.23
N LEU A 207 13.74 9.33 -0.06
CA LEU A 207 13.61 10.44 0.88
C LEU A 207 12.88 10.01 2.15
N VAL A 208 11.82 9.21 1.99
CA VAL A 208 11.03 8.74 3.13
C VAL A 208 11.87 7.86 4.05
N GLU A 209 12.73 7.00 3.48
CA GLU A 209 13.60 6.16 4.28
C GLU A 209 14.61 6.99 5.06
N GLU A 210 14.97 8.16 4.54
CA GLU A 210 15.84 9.09 5.26
C GLU A 210 15.08 10.00 6.21
N GLY A 211 13.76 9.87 6.31
CA GLY A 211 12.99 10.68 7.22
C GLY A 211 12.58 12.03 6.67
N LYS A 212 12.87 12.32 5.40
CA LYS A 212 12.47 13.59 4.81
C LYS A 212 11.11 13.44 4.15
N ALA A 213 10.50 14.56 3.87
CA ALA A 213 9.18 14.50 3.25
C ALA A 213 9.31 14.20 1.76
N PRO A 214 8.44 13.38 1.21
CA PRO A 214 8.47 13.14 -0.23
C PRO A 214 7.88 14.33 -0.96
N PHE A 215 8.19 14.42 -2.25
CA PHE A 215 7.59 15.46 -3.06
C PHE A 215 6.13 15.11 -3.34
N ALA A 216 5.31 16.15 -3.59
CA ALA A 216 3.89 15.91 -3.83
C ALA A 216 3.69 15.05 -5.09
N ASN A 217 4.45 15.32 -6.13
CA ASN A 217 4.10 14.69 -7.40
C ASN A 217 5.30 14.86 -8.32
N PRO A 218 5.30 14.29 -9.52
CA PRO A 218 6.50 14.40 -10.38
C PRO A 218 6.93 15.82 -10.69
N ARG A 219 5.98 16.74 -10.92
CA ARG A 219 6.38 18.12 -11.23
C ARG A 219 7.23 18.72 -10.11
N ASN A 220 6.75 18.61 -8.87
CA ASN A 220 7.44 19.31 -7.79
C ASN A 220 8.73 18.62 -7.43
N SER A 221 8.80 17.30 -7.61
CA SER A 221 10.06 16.60 -7.47
C SER A 221 11.09 17.12 -8.46
N ALA A 222 10.70 17.26 -9.74
CA ALA A 222 11.63 17.75 -10.73
C ALA A 222 12.06 19.19 -10.45
N ALA A 223 11.08 20.08 -10.18
CA ALA A 223 11.41 21.48 -9.92
C ALA A 223 12.28 21.62 -8.66
N GLY A 224 11.92 20.92 -7.59
CA GLY A 224 12.72 21.02 -6.37
C GLY A 224 14.11 20.43 -6.56
N SER A 225 14.22 19.35 -7.36
CA SER A 225 15.54 18.78 -7.63
C SER A 225 16.38 19.69 -8.54
N LEU A 226 15.75 20.39 -9.47
CA LEU A 226 16.49 21.35 -10.30
C LEU A 226 16.88 22.59 -9.50
N ARG A 227 15.96 23.13 -8.69
CA ARG A 227 16.18 24.40 -7.98
C ARG A 227 16.84 24.11 -6.63
N GLN A 228 18.11 23.75 -6.72
CA GLN A 228 18.92 23.44 -5.57
C GLN A 228 20.08 24.41 -5.53
N LYS A 229 20.27 25.08 -4.39
CA LYS A 229 21.44 25.92 -4.20
C LYS A 229 22.72 25.13 -4.36
N ASP A 230 22.71 23.86 -3.97
CA ASP A 230 23.87 23.00 -4.16
C ASP A 230 23.66 22.16 -5.39
N PRO A 231 24.39 22.41 -6.49
CA PRO A 231 24.17 21.64 -7.71
C PRO A 231 24.52 20.16 -7.56
N ALA A 232 25.34 19.81 -6.56
CA ALA A 232 25.63 18.41 -6.31
C ALA A 232 24.37 17.62 -5.98
N VAL A 233 23.37 18.28 -5.36
CA VAL A 233 22.10 17.60 -5.10
C VAL A 233 21.42 17.25 -6.42
N THR A 234 21.37 18.22 -7.35
CA THR A 234 20.82 17.96 -8.69
C THR A 234 21.57 16.82 -9.39
N ALA A 235 22.91 16.78 -9.24
CA ALA A 235 23.72 15.81 -9.95
C ALA A 235 23.40 14.37 -9.57
N ARG A 236 23.00 14.13 -8.31
CA ARG A 236 22.68 12.80 -7.80
C ARG A 236 21.34 12.28 -8.29
N ARG A 237 20.56 13.11 -8.98
CA ARG A 237 19.20 12.76 -9.31
C ARG A 237 19.06 12.71 -10.83
N ARG A 238 18.38 11.67 -11.30
CA ARG A 238 18.35 11.36 -12.73
C ARG A 238 17.30 12.22 -13.45
N LEU A 239 17.55 13.53 -13.45
CA LEU A 239 16.68 14.43 -14.19
C LEU A 239 16.82 14.18 -15.68
N ARG A 240 15.71 14.42 -16.40
CA ARG A 240 15.67 14.35 -17.85
CA ARG A 240 15.64 14.34 -17.85
C ARG A 240 15.23 15.69 -18.42
N MET A 241 15.40 15.86 -19.72
CA MET A 241 14.94 17.09 -20.35
CA MET A 241 14.95 17.08 -20.34
C MET A 241 14.53 16.81 -21.78
N ILE A 242 13.49 17.54 -22.23
CA ILE A 242 12.98 17.51 -23.61
C ILE A 242 12.79 18.96 -24.02
N CYS A 243 13.36 19.33 -25.17
CA CYS A 243 13.22 20.68 -25.70
C CYS A 243 11.89 20.80 -26.43
N HIS A 244 11.19 21.89 -26.21
CA HIS A 244 9.91 22.04 -26.90
C HIS A 244 9.63 23.46 -27.38
N GLY A 245 10.64 24.32 -27.51
CA GLY A 245 10.38 25.66 -28.02
C GLY A 245 11.66 26.46 -28.20
N LEU A 246 11.52 27.58 -28.93
CA LEU A 246 12.64 28.47 -29.18
C LEU A 246 12.41 29.81 -28.49
N GLY A 247 13.47 30.38 -27.92
CA GLY A 247 13.46 31.76 -27.48
C GLY A 247 14.18 32.56 -28.56
N HIS A 248 15.07 33.45 -28.17
CA HIS A 248 15.86 34.23 -29.12
C HIS A 248 16.87 33.36 -29.86
N VAL A 249 16.99 33.57 -31.17
CA VAL A 249 18.01 32.86 -31.95
C VAL A 249 18.69 33.86 -32.88
N GLU A 250 19.99 33.66 -33.09
CA GLU A 250 20.77 34.44 -34.04
C GLU A 250 21.55 33.47 -34.91
N GLY A 251 21.35 33.55 -36.22
CA GLY A 251 22.02 32.65 -37.15
C GLY A 251 21.27 31.37 -37.41
N PHE A 252 19.95 31.39 -37.30
CA PHE A 252 19.10 30.21 -37.51
C PHE A 252 17.69 30.73 -37.72
N ARG A 253 17.08 30.40 -38.86
CA ARG A 253 15.77 30.93 -39.22
C ARG A 253 14.86 29.81 -39.69
N PRO A 254 14.42 28.96 -38.77
CA PRO A 254 13.55 27.85 -39.19
C PRO A 254 12.23 28.40 -39.67
N ALA A 255 11.69 27.81 -40.75
CA ALA A 255 10.40 28.22 -41.26
C ALA A 255 9.25 27.57 -40.50
N THR A 256 9.51 26.45 -39.83
CA THR A 256 8.48 25.72 -39.11
C THR A 256 9.09 25.14 -37.84
N LEU A 257 8.22 24.86 -36.86
CA LEU A 257 8.67 24.16 -35.66
C LEU A 257 9.23 22.78 -35.99
N HIS A 258 8.61 22.05 -36.91
CA HIS A 258 9.13 20.71 -37.15
C HIS A 258 10.51 20.76 -37.79
N GLN A 259 10.77 21.78 -38.63
CA GLN A 259 12.14 21.96 -39.11
C GLN A 259 13.08 22.40 -37.99
N ALA A 260 12.61 23.22 -37.05
CA ALA A 260 13.45 23.56 -35.91
C ALA A 260 13.86 22.31 -35.12
N TYR A 261 12.92 21.39 -34.90
CA TYR A 261 13.25 20.16 -34.18
C TYR A 261 14.27 19.31 -34.93
N LEU A 262 14.24 19.34 -36.26
CA LEU A 262 15.26 18.60 -36.99
C LEU A 262 16.64 19.15 -36.68
N ALA A 263 16.75 20.49 -36.62
CA ALA A 263 18.03 21.12 -36.27
C ALA A 263 18.42 20.81 -34.83
N LEU A 264 17.47 20.94 -33.89
CA LEU A 264 17.80 20.65 -32.50
C LEU A 264 18.34 19.23 -32.35
N ARG A 265 17.69 18.27 -33.01
CA ARG A 265 18.16 16.89 -33.04
C ARG A 265 19.59 16.80 -33.59
N ALA A 266 19.83 17.43 -34.74
CA ALA A 266 21.16 17.39 -35.35
C ALA A 266 22.21 17.93 -34.40
N TRP A 267 21.85 18.95 -33.61
CA TRP A 267 22.77 19.58 -32.67
C TRP A 267 22.95 18.77 -31.40
N GLY A 268 22.23 17.66 -31.24
CA GLY A 268 22.39 16.81 -30.07
C GLY A 268 21.50 17.16 -28.92
N LEU A 269 20.53 18.01 -29.13
CA LEU A 269 19.61 18.36 -28.07
C LEU A 269 18.45 17.35 -28.04
N PRO A 270 17.88 17.10 -26.86
CA PRO A 270 16.84 16.08 -26.76
C PRO A 270 15.49 16.61 -27.24
N VAL A 271 14.85 15.86 -28.13
CA VAL A 271 13.50 16.22 -28.59
C VAL A 271 12.62 14.99 -28.43
N SER A 272 11.31 15.22 -28.22
CA SER A 272 10.40 14.10 -28.00
C SER A 272 10.18 13.30 -29.29
N GLU A 273 10.17 11.98 -29.18
CA GLU A 273 9.83 11.12 -30.30
C GLU A 273 8.33 10.93 -30.45
N HIS A 274 7.51 11.57 -29.61
CA HIS A 274 6.07 11.31 -29.61
C HIS A 274 5.27 12.37 -30.36
N THR A 275 5.94 13.36 -30.94
CA THR A 275 5.28 14.45 -31.62
C THR A 275 4.76 14.03 -33.00
N THR A 276 3.59 14.55 -33.39
CA THR A 276 3.04 14.33 -34.73
CA THR A 276 3.07 14.34 -34.73
C THR A 276 2.57 15.66 -35.29
N LEU A 277 2.47 15.73 -36.61
CA LEU A 277 2.03 16.92 -37.32
C LEU A 277 0.68 16.63 -37.94
N ALA A 278 -0.32 17.43 -37.59
CA ALA A 278 -1.65 17.25 -38.11
C ALA A 278 -1.96 18.35 -39.12
N THR A 279 -2.77 18.02 -40.11
CA THR A 279 -3.08 19.05 -41.10
C THR A 279 -4.26 19.93 -40.68
N ASP A 280 -5.13 19.46 -39.79
CA ASP A 280 -6.36 20.20 -39.47
C ASP A 280 -6.84 19.80 -38.09
N LEU A 281 -7.95 20.43 -37.67
CA LEU A 281 -8.52 20.13 -36.35
C LEU A 281 -8.89 18.66 -36.22
N ALA A 282 -9.43 18.06 -37.27
CA ALA A 282 -9.77 16.64 -37.20
C ALA A 282 -8.54 15.81 -36.86
N GLY A 283 -7.41 16.09 -37.52
CA GLY A 283 -6.17 15.40 -37.19
C GLY A 283 -5.74 15.66 -35.76
N VAL A 284 -5.87 16.89 -35.30
CA VAL A 284 -5.52 17.23 -33.93
C VAL A 284 -6.38 16.43 -32.95
N ARG A 285 -7.70 16.40 -33.19
CA ARG A 285 -8.60 15.69 -32.29
C ARG A 285 -8.29 14.20 -32.25
N GLU A 286 -7.88 13.65 -33.39
CA GLU A 286 -7.52 12.22 -33.42
C GLU A 286 -6.32 11.95 -32.50
N ARG A 287 -5.33 12.85 -32.51
CA ARG A 287 -4.15 12.66 -31.68
C ARG A 287 -4.47 12.87 -30.19
N ILE A 288 -5.36 13.81 -29.88
CA ILE A 288 -5.76 14.02 -28.48
C ILE A 288 -6.52 12.81 -27.95
N ASP A 289 -7.44 12.27 -28.75
CA ASP A 289 -8.13 11.03 -28.37
C ASP A 289 -7.14 9.89 -28.21
N TYR A 290 -6.15 9.79 -29.09
CA TYR A 290 -5.15 8.74 -28.97
C TYR A 290 -4.41 8.83 -27.63
N TRP A 291 -3.96 10.02 -27.27
CA TRP A 291 -3.19 10.10 -26.03
C TRP A 291 -4.07 10.02 -24.78
N GLY A 292 -5.35 10.36 -24.90
CA GLY A 292 -6.25 10.11 -23.80
C GLY A 292 -6.26 8.64 -23.41
N GLU A 293 -6.13 7.76 -24.40
CA GLU A 293 -6.13 6.32 -24.18
C GLU A 293 -4.73 5.77 -23.90
N HIS A 294 -3.67 6.42 -24.37
CA HIS A 294 -2.34 5.82 -24.32
C HIS A 294 -1.34 6.57 -23.43
N ARG A 295 -1.74 7.67 -22.79
CA ARG A 295 -0.75 8.45 -22.05
C ARG A 295 -0.23 7.69 -20.85
N HIS A 296 -1.00 6.72 -20.33
CA HIS A 296 -0.52 5.86 -19.27
C HIS A 296 0.65 5.01 -19.72
N GLU A 297 0.90 4.93 -21.02
CA GLU A 297 2.03 4.17 -21.55
C GLU A 297 3.31 4.97 -21.63
N VAL A 298 3.24 6.31 -21.47
CA VAL A 298 4.42 7.16 -21.49
C VAL A 298 5.11 7.10 -20.13
N ASP A 299 6.44 6.98 -20.12
CA ASP A 299 7.15 6.71 -18.86
C ASP A 299 7.32 7.95 -17.98
N HIS A 300 6.75 9.08 -18.36
CA HIS A 300 6.78 10.28 -17.53
C HIS A 300 5.40 10.92 -17.49
N GLU A 301 5.24 11.84 -16.52
CA GLU A 301 3.94 12.43 -16.25
C GLU A 301 3.52 13.37 -17.39
N ILE A 302 2.33 13.14 -17.92
CA ILE A 302 1.74 13.92 -19.01
C ILE A 302 0.47 14.58 -18.48
N ASP A 303 0.38 15.90 -18.58
CA ASP A 303 -0.87 16.54 -18.14
C ASP A 303 -1.71 17.06 -19.31
N GLY A 304 -1.38 16.70 -20.54
CA GLY A 304 -2.19 17.13 -21.67
C GLY A 304 -1.44 16.97 -22.99
N VAL A 305 -1.94 17.68 -24.00
CA VAL A 305 -1.31 17.75 -25.31
C VAL A 305 -1.19 19.21 -25.70
N VAL A 306 0.00 19.64 -26.14
CA VAL A 306 0.14 20.98 -26.64
C VAL A 306 -0.04 20.96 -28.15
N VAL A 307 -0.98 21.77 -28.65
CA VAL A 307 -1.24 21.97 -30.08
C VAL A 307 -0.63 23.29 -30.50
N LYS A 308 0.23 23.27 -31.52
CA LYS A 308 0.97 24.47 -31.94
C LYS A 308 0.85 24.68 -33.43
N VAL A 309 0.56 25.91 -33.84
CA VAL A 309 0.72 26.27 -35.26
C VAL A 309 2.17 26.06 -35.65
N ASP A 310 2.40 25.24 -36.69
CA ASP A 310 3.75 24.80 -37.08
C ASP A 310 4.51 25.90 -37.82
N GLU A 311 3.84 26.66 -38.69
CA GLU A 311 4.48 27.69 -39.50
C GLU A 311 4.90 28.89 -38.62
N VAL A 312 6.19 29.19 -38.59
CA VAL A 312 6.67 30.28 -37.75
C VAL A 312 6.11 31.63 -38.23
N ALA A 313 6.00 31.82 -39.54
CA ALA A 313 5.43 33.08 -40.03
C ALA A 313 4.01 33.27 -39.52
N LEU A 314 3.25 32.18 -39.40
CA LEU A 314 1.89 32.30 -38.88
C LEU A 314 1.88 32.51 -37.37
N GLN A 315 2.83 31.91 -36.64
CA GLN A 315 2.95 32.20 -35.21
C GLN A 315 3.16 33.69 -34.98
N ARG A 316 4.05 34.31 -35.77
CA ARG A 316 4.36 35.72 -35.61
C ARG A 316 3.15 36.60 -35.89
N ARG A 317 2.36 36.21 -36.89
CA ARG A 317 1.14 36.92 -37.22
C ARG A 317 0.07 36.77 -36.12
N LEU A 318 -0.02 35.59 -35.51
CA LEU A 318 -0.99 35.37 -34.44
C LEU A 318 -0.55 36.07 -33.16
N GLY A 319 0.74 36.04 -32.86
CA GLY A 319 1.28 36.77 -31.74
C GLY A 319 1.07 36.06 -30.41
N SER A 320 1.09 36.87 -29.35
CA SER A 320 1.02 36.37 -28.00
C SER A 320 0.42 37.44 -27.11
N THR A 321 -0.21 37.01 -26.01
CA THR A 321 -0.68 37.90 -24.96
C THR A 321 0.45 38.23 -23.99
N SER A 322 0.14 38.95 -22.92
CA SER A 322 1.12 39.18 -21.87
C SER A 322 1.63 37.88 -21.25
N ARG A 323 0.89 36.77 -21.35
CA ARG A 323 1.26 35.56 -20.64
CA ARG A 323 1.26 35.56 -20.64
C ARG A 323 1.25 34.29 -21.48
N ALA A 324 0.80 34.32 -22.73
CA ALA A 324 0.80 33.06 -23.46
C ALA A 324 0.79 33.33 -24.96
N PRO A 325 1.36 32.42 -25.77
CA PRO A 325 1.23 32.56 -27.23
C PRO A 325 -0.21 32.38 -27.66
N ARG A 326 -0.58 33.10 -28.71
CA ARG A 326 -1.90 32.92 -29.30
C ARG A 326 -1.90 31.77 -30.31
N TRP A 327 -0.73 31.23 -30.64
CA TRP A 327 -0.59 30.22 -31.68
C TRP A 327 -0.47 28.80 -31.12
N ALA A 328 -0.74 28.62 -29.82
CA ALA A 328 -0.64 27.32 -29.16
C ALA A 328 -1.72 27.22 -28.09
N ILE A 329 -2.12 25.99 -27.79
CA ILE A 329 -3.05 25.76 -26.70
C ILE A 329 -2.74 24.41 -26.06
N ALA A 330 -2.90 24.32 -24.75
CA ALA A 330 -2.74 23.07 -24.03
C ALA A 330 -4.10 22.44 -23.80
N TYR A 331 -4.36 21.29 -24.42
CA TYR A 331 -5.55 20.53 -24.10
C TYR A 331 -5.26 19.74 -22.83
N LYS A 332 -6.08 19.90 -21.82
CA LYS A 332 -5.78 19.26 -20.54
C LYS A 332 -6.75 18.11 -20.32
N TYR A 333 -6.22 16.97 -19.91
CA TYR A 333 -7.07 15.83 -19.62
C TYR A 333 -7.60 15.92 -18.19
N PRO A 334 -8.80 15.38 -17.93
CA PRO A 334 -9.39 15.19 -16.60
C PRO A 334 -8.50 14.49 -15.60
N ALA B 18 17.18 -36.24 -58.94
CA ALA B 18 18.15 -35.97 -57.88
C ALA B 18 19.32 -35.08 -58.32
N PRO B 19 19.94 -35.35 -59.50
CA PRO B 19 21.01 -34.44 -59.95
C PRO B 19 20.55 -33.00 -60.09
N GLU B 20 19.50 -32.77 -60.89
CA GLU B 20 19.02 -31.41 -61.14
C GLU B 20 18.51 -30.76 -59.87
N VAL B 21 17.84 -31.52 -59.01
CA VAL B 21 17.27 -30.96 -57.80
C VAL B 21 18.36 -30.58 -56.80
N LEU B 22 19.35 -31.47 -56.62
CA LEU B 22 20.43 -31.20 -55.67
C LEU B 22 21.31 -30.06 -56.16
N ARG B 23 21.68 -30.09 -57.45
CA ARG B 23 22.46 -29.01 -58.01
C ARG B 23 21.74 -27.67 -57.87
N GLN B 24 20.42 -27.67 -58.07
CA GLN B 24 19.64 -26.46 -57.84
C GLN B 24 19.75 -25.99 -56.40
N TRP B 25 19.65 -26.91 -55.44
CA TRP B 25 19.80 -26.57 -54.03
C TRP B 25 21.19 -26.02 -53.74
N GLN B 26 22.22 -26.70 -54.27
CA GLN B 26 23.60 -26.29 -54.01
C GLN B 26 23.87 -24.87 -54.51
N ALA B 27 23.44 -24.55 -55.73
CA ALA B 27 23.64 -23.21 -56.26
C ALA B 27 22.93 -22.16 -55.40
N LEU B 28 21.69 -22.44 -55.00
CA LEU B 28 20.92 -21.49 -54.20
C LEU B 28 21.50 -21.34 -52.80
N ALA B 29 21.94 -22.44 -52.18
CA ALA B 29 22.56 -22.34 -50.86
C ALA B 29 23.83 -21.51 -50.93
N GLU B 30 24.64 -21.71 -51.98
CA GLU B 30 25.87 -20.94 -52.13
C GLU B 30 25.57 -19.45 -52.31
N GLU B 31 24.52 -19.13 -53.07
CA GLU B 31 24.13 -17.74 -53.25
C GLU B 31 23.69 -17.11 -51.93
N VAL B 32 22.82 -17.79 -51.19
CA VAL B 32 22.41 -17.33 -49.87
C VAL B 32 23.62 -17.13 -48.96
N ARG B 33 24.56 -18.08 -48.97
CA ARG B 33 25.75 -17.97 -48.13
C ARG B 33 26.63 -16.80 -48.53
N GLU B 34 26.77 -16.55 -49.85
CA GLU B 34 27.54 -15.41 -50.29
C GLU B 34 26.98 -14.10 -49.71
N HIS B 35 25.67 -13.92 -49.81
CA HIS B 35 25.05 -12.68 -49.36
C HIS B 35 25.01 -12.57 -47.83
N GLN B 36 24.86 -13.70 -47.13
CA GLN B 36 24.99 -13.64 -45.68
C GLN B 36 26.39 -13.19 -45.27
N PHE B 37 27.43 -13.68 -45.97
CA PHE B 37 28.79 -13.22 -45.71
C PHE B 37 28.91 -11.72 -45.97
N ARG B 38 28.44 -11.27 -47.14
CA ARG B 38 28.54 -9.85 -47.49
C ARG B 38 27.86 -8.97 -46.44
N TYR B 39 26.72 -9.42 -45.93
CA TYR B 39 25.94 -8.64 -44.96
C TYR B 39 26.55 -8.73 -43.56
N TYR B 40 26.72 -9.97 -43.04
CA TYR B 40 27.12 -10.15 -41.63
C TYR B 40 28.60 -9.92 -41.38
N VAL B 41 29.47 -10.25 -42.32
CA VAL B 41 30.91 -10.11 -42.13
C VAL B 41 31.43 -8.81 -42.72
N ARG B 42 30.95 -8.43 -43.90
CA ARG B 42 31.49 -7.26 -44.57
C ARG B 42 30.64 -6.01 -44.40
N ASP B 43 29.40 -6.13 -43.94
CA ASP B 43 28.48 -5.00 -43.86
C ASP B 43 28.38 -4.28 -45.20
N ALA B 44 28.38 -5.07 -46.28
CA ALA B 44 28.39 -4.53 -47.64
C ALA B 44 27.57 -5.43 -48.56
N PRO B 45 26.26 -5.49 -48.34
CA PRO B 45 25.42 -6.29 -49.24
C PRO B 45 25.45 -5.70 -50.65
N ILE B 46 25.16 -6.54 -51.63
CA ILE B 46 25.02 -6.07 -53.01
C ILE B 46 23.62 -6.32 -53.57
N ILE B 47 22.72 -6.90 -52.79
CA ILE B 47 21.31 -7.00 -53.16
C ILE B 47 20.50 -6.42 -52.00
N SER B 48 19.25 -6.10 -52.30
CA SER B 48 18.39 -5.55 -51.26
C SER B 48 17.97 -6.64 -50.27
N ASP B 49 17.54 -6.20 -49.09
CA ASP B 49 17.02 -7.12 -48.09
C ASP B 49 15.83 -7.91 -48.60
N ALA B 50 14.95 -7.26 -49.35
CA ALA B 50 13.80 -7.97 -49.91
C ALA B 50 14.24 -9.05 -50.90
N GLU B 51 15.23 -8.74 -51.74
CA GLU B 51 15.76 -9.76 -52.66
C GLU B 51 16.39 -10.92 -51.91
N PHE B 52 17.17 -10.62 -50.87
CA PHE B 52 17.75 -11.69 -50.08
C PHE B 52 16.67 -12.57 -49.47
N ASP B 53 15.66 -11.96 -48.84
CA ASP B 53 14.61 -12.73 -48.18
C ASP B 53 13.96 -13.68 -49.19
N GLU B 54 13.82 -13.22 -50.43
CA GLU B 54 13.22 -14.06 -51.46
C GLU B 54 14.11 -15.26 -51.76
N LEU B 55 15.43 -15.06 -51.86
CA LEU B 55 16.32 -16.22 -52.05
C LEU B 55 16.14 -17.23 -50.93
N LEU B 56 16.14 -16.77 -49.69
CA LEU B 56 16.04 -17.69 -48.57
C LEU B 56 14.69 -18.39 -48.54
N ARG B 57 13.62 -17.68 -48.90
CA ARG B 57 12.33 -18.35 -48.97
C ARG B 57 12.29 -19.35 -50.11
N ARG B 58 12.99 -19.08 -51.21
CA ARG B 58 13.07 -20.07 -52.28
C ARG B 58 13.82 -21.32 -51.82
N LEU B 59 14.90 -21.12 -51.06
CA LEU B 59 15.65 -22.26 -50.53
C LEU B 59 14.78 -23.10 -49.60
N GLU B 60 14.05 -22.45 -48.68
CA GLU B 60 13.18 -23.19 -47.78
C GLU B 60 12.10 -23.94 -48.55
N ALA B 61 11.51 -23.32 -49.58
CA ALA B 61 10.48 -24.01 -50.36
C ALA B 61 11.05 -25.21 -51.10
N LEU B 62 12.29 -25.11 -51.57
CA LEU B 62 12.90 -26.27 -52.23
C LEU B 62 13.08 -27.43 -51.25
N GLU B 63 13.47 -27.15 -50.01
CA GLU B 63 13.67 -28.21 -49.01
C GLU B 63 12.35 -28.82 -48.58
N GLU B 64 11.32 -27.99 -48.44
CA GLU B 64 9.99 -28.52 -48.09
C GLU B 64 9.46 -29.42 -49.20
N GLN B 65 9.68 -29.04 -50.46
CA GLN B 65 9.20 -29.85 -51.58
C GLN B 65 10.01 -31.12 -51.75
N HIS B 66 11.32 -31.06 -51.47
CA HIS B 66 12.19 -32.23 -51.58
C HIS B 66 12.83 -32.45 -50.23
N PRO B 67 12.19 -33.23 -49.35
CA PRO B 67 12.70 -33.37 -47.97
C PRO B 67 14.11 -33.91 -47.90
N GLU B 68 14.54 -34.71 -48.89
CA GLU B 68 15.90 -35.24 -48.88
C GLU B 68 16.95 -34.14 -48.90
N LEU B 69 16.57 -32.93 -49.27
CA LEU B 69 17.50 -31.81 -49.22
C LEU B 69 17.63 -31.23 -47.81
N ARG B 70 16.75 -31.60 -46.88
CA ARG B 70 16.86 -31.05 -45.52
C ARG B 70 18.20 -31.47 -44.94
N THR B 71 19.06 -30.51 -44.69
CA THR B 71 20.38 -30.81 -44.16
C THR B 71 20.65 -29.90 -42.97
N PRO B 72 21.33 -30.40 -41.94
CA PRO B 72 21.33 -29.67 -40.65
C PRO B 72 22.00 -28.32 -40.71
N ASP B 73 22.94 -28.10 -41.62
CA ASP B 73 23.64 -26.81 -41.70
C ASP B 73 23.17 -25.95 -42.87
N SER B 74 22.01 -26.25 -43.43
CA SER B 74 21.43 -25.34 -44.41
C SER B 74 21.19 -23.98 -43.78
N PRO B 75 21.28 -22.91 -44.57
CA PRO B 75 20.93 -21.58 -44.06
C PRO B 75 19.51 -21.54 -43.49
N THR B 76 18.65 -22.48 -43.87
CA THR B 76 17.28 -22.50 -43.35
C THR B 76 17.21 -22.92 -41.89
N GLN B 77 18.30 -23.43 -41.32
CA GLN B 77 18.29 -23.87 -39.93
C GLN B 77 19.24 -23.08 -39.04
N LEU B 78 20.08 -22.21 -39.59
CA LEU B 78 21.15 -21.59 -38.83
C LEU B 78 20.87 -20.11 -38.66
N VAL B 79 21.51 -19.53 -37.64
CA VAL B 79 21.51 -18.09 -37.46
C VAL B 79 22.43 -17.47 -38.50
N GLY B 80 21.90 -16.53 -39.26
CA GLY B 80 22.69 -15.85 -40.27
C GLY B 80 23.98 -15.29 -39.70
N GLY B 81 25.09 -15.65 -40.31
CA GLY B 81 26.41 -15.37 -39.76
C GLY B 81 27.15 -16.62 -39.37
N ALA B 82 26.44 -17.74 -39.26
CA ALA B 82 27.04 -19.03 -38.97
C ALA B 82 28.02 -19.45 -40.07
N GLY B 83 29.09 -20.12 -39.66
CA GLY B 83 30.02 -20.71 -40.62
C GLY B 83 31.08 -19.77 -41.14
N PHE B 84 31.19 -18.56 -40.64
CA PHE B 84 32.16 -17.59 -41.13
C PHE B 84 33.25 -17.31 -40.09
N ALA B 85 34.44 -16.97 -40.56
CA ALA B 85 35.51 -16.51 -39.70
C ALA B 85 35.69 -15.00 -39.88
N THR B 86 36.12 -14.32 -38.81
CA THR B 86 36.41 -12.89 -38.90
C THR B 86 37.70 -12.58 -38.15
N ASP B 87 38.08 -11.30 -38.24
CA ASP B 87 39.29 -10.73 -37.68
C ASP B 87 39.20 -10.38 -36.20
N PHE B 88 38.00 -10.44 -35.62
CA PHE B 88 37.81 -10.09 -34.21
C PHE B 88 38.06 -11.30 -33.33
N GLU B 89 38.26 -11.05 -32.05
CA GLU B 89 38.41 -12.16 -31.10
C GLU B 89 37.06 -12.83 -30.89
N PRO B 90 36.94 -14.13 -31.13
CA PRO B 90 35.66 -14.79 -30.91
C PRO B 90 35.39 -14.95 -29.41
N VAL B 91 34.13 -14.83 -29.03
CA VAL B 91 33.72 -15.00 -27.63
CA VAL B 91 33.74 -15.05 -27.64
C VAL B 91 32.36 -15.68 -27.60
N ASP B 92 32.17 -16.60 -26.64
CA ASP B 92 30.94 -17.38 -26.55
C ASP B 92 29.87 -16.60 -25.79
N HIS B 93 28.67 -16.55 -26.34
CA HIS B 93 27.54 -16.02 -25.59
C HIS B 93 27.26 -16.92 -24.39
N LEU B 94 26.61 -16.34 -23.39
CA LEU B 94 26.24 -17.08 -22.19
C LEU B 94 24.96 -17.87 -22.42
N GLU B 95 24.11 -17.40 -23.33
CA GLU B 95 22.94 -18.13 -23.81
C GLU B 95 22.89 -17.92 -25.33
N ARG B 96 22.34 -18.89 -26.07
CA ARG B 96 22.25 -18.74 -27.53
C ARG B 96 21.55 -17.45 -27.91
N MET B 97 22.04 -16.81 -28.96
CA MET B 97 21.51 -15.53 -29.42
C MET B 97 20.90 -15.73 -30.80
N LEU B 98 19.59 -15.54 -30.91
CA LEU B 98 18.86 -16.09 -32.04
C LEU B 98 18.39 -15.03 -33.01
N SER B 99 17.83 -15.50 -34.12
CA SER B 99 17.14 -14.66 -35.10
C SER B 99 15.66 -14.57 -34.69
N LEU B 100 14.78 -14.18 -35.62
CA LEU B 100 13.33 -14.14 -35.41
C LEU B 100 12.64 -14.69 -36.65
N ASP B 101 11.58 -15.45 -36.45
CA ASP B 101 10.75 -15.79 -37.60
C ASP B 101 9.85 -14.61 -37.97
N ASN B 102 9.34 -14.64 -39.20
CA ASN B 102 8.61 -13.53 -39.81
C ASN B 102 7.18 -13.92 -40.14
N ALA B 103 6.28 -12.95 -40.03
CA ALA B 103 4.94 -13.00 -40.59
C ALA B 103 4.78 -11.82 -41.55
N PHE B 104 4.26 -12.09 -42.74
CA PHE B 104 4.00 -11.06 -43.72
C PHE B 104 2.54 -10.79 -43.98
N THR B 105 1.63 -11.63 -43.47
CA THR B 105 0.22 -11.52 -43.79
C THR B 105 -0.61 -11.72 -42.54
N ALA B 106 -1.91 -11.44 -42.67
CA ALA B 106 -2.85 -11.69 -41.59
C ALA B 106 -2.92 -13.17 -41.25
N ASP B 107 -2.88 -14.05 -42.27
CA ASP B 107 -2.95 -15.48 -41.99
C ASP B 107 -1.70 -15.99 -41.28
N GLU B 108 -0.52 -15.48 -41.66
CA GLU B 108 0.71 -15.93 -41.00
C GLU B 108 0.76 -15.44 -39.55
N LEU B 109 0.32 -14.22 -39.31
CA LEU B 109 0.25 -13.77 -37.92
C LEU B 109 -0.76 -14.61 -37.14
N ALA B 110 -1.93 -14.88 -37.74
CA ALA B 110 -2.95 -15.64 -37.05
C ALA B 110 -2.54 -17.10 -36.84
N ALA B 111 -1.77 -17.70 -37.76
CA ALA B 111 -1.26 -19.04 -37.50
C ALA B 111 -0.31 -19.04 -36.31
N TRP B 112 0.50 -18.00 -36.18
CA TRP B 112 1.39 -17.91 -35.02
C TRP B 112 0.58 -17.82 -33.74
N ALA B 113 -0.41 -16.93 -33.72
CA ALA B 113 -1.24 -16.82 -32.53
C ALA B 113 -1.95 -18.14 -32.23
N GLY B 114 -2.38 -18.86 -33.28
CA GLY B 114 -2.99 -20.16 -33.06
C GLY B 114 -2.07 -21.15 -32.38
N ARG B 115 -0.80 -21.19 -32.77
CA ARG B 115 0.19 -22.03 -32.09
C ARG B 115 0.30 -21.66 -30.62
N ILE B 116 0.36 -20.36 -30.32
CA ILE B 116 0.46 -19.90 -28.94
C ILE B 116 -0.73 -20.42 -28.15
N HIS B 117 -1.94 -20.20 -28.66
CA HIS B 117 -3.12 -20.68 -27.95
C HIS B 117 -3.11 -22.19 -27.74
N ALA B 118 -2.65 -22.94 -28.74
CA ALA B 118 -2.67 -24.40 -28.63
C ALA B 118 -1.67 -24.92 -27.61
N GLU B 119 -0.56 -24.21 -27.41
CA GLU B 119 0.49 -24.70 -26.51
C GLU B 119 0.39 -24.13 -25.11
N VAL B 120 0.08 -22.85 -24.95
CA VAL B 120 0.06 -22.22 -23.63
C VAL B 120 -1.29 -21.61 -23.27
N GLY B 121 -2.30 -21.77 -24.12
CA GLY B 121 -3.64 -21.31 -23.80
C GLY B 121 -3.87 -19.83 -24.06
N ASP B 122 -4.99 -19.34 -23.54
CA ASP B 122 -5.47 -17.97 -23.70
C ASP B 122 -4.86 -16.93 -22.77
N ALA B 123 -4.04 -17.33 -21.80
CA ALA B 123 -3.54 -16.43 -20.77
C ALA B 123 -2.46 -15.45 -21.23
N ALA B 124 -1.76 -15.73 -22.32
CA ALA B 124 -0.63 -14.90 -22.71
C ALA B 124 -1.06 -13.47 -23.04
N HIS B 125 -0.24 -12.52 -22.63
CA HIS B 125 -0.26 -11.16 -23.14
C HIS B 125 0.89 -10.99 -24.14
N TYR B 126 0.78 -9.96 -24.99
CA TYR B 126 1.72 -9.76 -26.09
C TYR B 126 2.36 -8.38 -26.01
N LEU B 127 3.66 -8.37 -25.79
CA LEU B 127 4.43 -7.14 -25.88
C LEU B 127 4.71 -6.84 -27.35
N CYS B 128 4.43 -5.60 -27.79
CA CYS B 128 4.59 -5.18 -29.19
C CYS B 128 5.67 -4.11 -29.24
N GLU B 129 6.78 -4.42 -29.88
CA GLU B 129 7.94 -3.54 -29.90
C GLU B 129 8.29 -3.15 -31.33
N LEU B 130 8.86 -1.97 -31.48
CA LEU B 130 9.42 -1.59 -32.78
C LEU B 130 10.60 -2.51 -33.10
N LYS B 131 10.65 -3.00 -34.33
CA LYS B 131 11.79 -3.80 -34.79
C LYS B 131 12.80 -2.85 -35.42
N ILE B 132 13.92 -2.65 -34.75
CA ILE B 132 14.92 -1.68 -35.22
C ILE B 132 15.80 -2.31 -36.29
N ASP B 133 16.02 -1.60 -37.38
CA ASP B 133 16.84 -2.11 -38.48
C ASP B 133 18.30 -1.72 -38.25
N GLY B 134 18.89 -2.36 -37.26
CA GLY B 134 20.25 -2.09 -36.85
C GLY B 134 21.09 -3.35 -36.86
N VAL B 135 22.08 -3.35 -35.97
CA VAL B 135 22.98 -4.50 -35.78
C VAL B 135 22.81 -4.99 -34.34
N ALA B 136 22.75 -6.31 -34.18
CA ALA B 136 22.52 -6.88 -32.86
C ALA B 136 23.78 -6.75 -32.01
N LEU B 137 23.57 -6.51 -30.72
CA LEU B 137 24.66 -6.43 -29.75
C LEU B 137 24.25 -7.12 -28.46
N SER B 138 25.16 -7.84 -27.86
CA SER B 138 24.93 -8.51 -26.58
C SER B 138 25.88 -7.94 -25.55
N LEU B 139 25.36 -7.53 -24.40
CA LEU B 139 26.16 -6.95 -23.32
C LEU B 139 26.14 -7.89 -22.13
N VAL B 140 27.31 -8.07 -21.50
CA VAL B 140 27.42 -8.83 -20.25
C VAL B 140 27.87 -7.86 -19.16
N TYR B 141 27.04 -7.76 -18.12
CA TYR B 141 27.37 -7.05 -16.88
C TYR B 141 27.58 -8.09 -15.78
N ARG B 142 28.72 -8.01 -15.09
CA ARG B 142 28.99 -8.86 -13.95
C ARG B 142 29.00 -7.99 -12.70
N GLU B 143 28.09 -8.28 -11.78
CA GLU B 143 27.88 -7.46 -10.59
C GLU B 143 27.77 -5.99 -10.97
N GLY B 144 27.07 -5.72 -12.07
CA GLY B 144 26.77 -4.36 -12.45
C GLY B 144 27.81 -3.68 -13.32
N ARG B 145 28.94 -4.31 -13.58
CA ARG B 145 30.01 -3.72 -14.38
C ARG B 145 30.03 -4.33 -15.77
N LEU B 146 30.15 -3.48 -16.78
CA LEU B 146 30.23 -3.98 -18.16
C LEU B 146 31.54 -4.72 -18.38
N THR B 147 31.46 -6.01 -18.70
CA THR B 147 32.68 -6.77 -18.94
C THR B 147 32.81 -7.25 -20.39
N ARG B 148 31.74 -7.29 -21.16
CA ARG B 148 31.90 -7.77 -22.53
C ARG B 148 30.77 -7.25 -23.41
N ALA B 149 31.10 -7.00 -24.68
CA ALA B 149 30.10 -6.75 -25.70
C ALA B 149 30.46 -7.54 -26.95
N SER B 150 29.48 -8.21 -27.53
CA SER B 150 29.76 -9.03 -28.70
C SER B 150 28.64 -8.92 -29.72
N THR B 151 29.03 -9.07 -30.99
CA THR B 151 28.07 -9.21 -32.07
C THR B 151 27.39 -10.58 -31.97
N ARG B 152 26.32 -10.75 -32.75
CA ARG B 152 25.60 -12.01 -32.69
C ARG B 152 26.47 -13.19 -33.15
N GLY B 153 27.24 -13.01 -34.23
CA GLY B 153 28.03 -14.12 -34.76
C GLY B 153 27.13 -15.26 -35.23
N ASP B 154 27.46 -16.50 -34.86
CA ASP B 154 26.68 -17.64 -35.31
C ASP B 154 25.58 -18.04 -34.32
N GLY B 155 25.26 -17.20 -33.34
CA GLY B 155 24.27 -17.56 -32.33
C GLY B 155 24.87 -18.18 -31.09
N ARG B 156 25.99 -18.90 -31.25
CA ARG B 156 26.73 -19.42 -30.11
C ARG B 156 27.93 -18.56 -29.78
N THR B 157 28.64 -18.08 -30.79
CA THR B 157 29.89 -17.35 -30.64
C THR B 157 29.82 -16.06 -31.45
N GLY B 158 30.11 -14.93 -30.80
CA GLY B 158 30.15 -13.65 -31.44
C GLY B 158 31.55 -13.06 -31.49
N GLU B 159 31.61 -11.80 -31.92
CA GLU B 159 32.87 -11.07 -32.06
C GLU B 159 33.01 -10.08 -30.91
N ASP B 160 34.17 -10.05 -30.28
CA ASP B 160 34.37 -9.16 -29.15
C ASP B 160 34.48 -7.72 -29.65
N VAL B 161 33.48 -6.90 -29.34
CA VAL B 161 33.50 -5.47 -29.68
C VAL B 161 33.30 -4.67 -28.39
N THR B 162 33.85 -5.17 -27.29
CA THR B 162 33.72 -4.51 -26.00
C THR B 162 34.27 -3.08 -26.07
N LEU B 163 35.47 -2.92 -26.61
CA LEU B 163 36.07 -1.59 -26.69
C LEU B 163 35.22 -0.64 -27.51
N ASN B 164 34.60 -1.16 -28.58
CA ASN B 164 33.74 -0.34 -29.41
C ASN B 164 32.46 0.05 -28.67
N ALA B 165 31.85 -0.91 -27.98
CA ALA B 165 30.61 -0.63 -27.26
C ALA B 165 30.82 0.36 -26.14
N ARG B 166 32.02 0.37 -25.54
CA ARG B 166 32.30 1.34 -24.49
C ARG B 166 32.26 2.79 -24.99
N THR B 167 32.42 3.01 -26.29
CA THR B 167 32.32 4.38 -26.81
C THR B 167 30.88 4.81 -27.04
N ILE B 168 29.90 3.91 -27.02
CA ILE B 168 28.51 4.26 -27.28
C ILE B 168 27.91 4.93 -26.05
N ALA B 169 27.43 6.17 -26.20
CA ALA B 169 26.98 6.95 -25.05
C ALA B 169 25.79 6.28 -24.34
N ASP B 170 24.91 5.64 -25.11
CA ASP B 170 23.77 4.92 -24.57
C ASP B 170 24.14 3.72 -23.72
N VAL B 171 25.38 3.22 -23.82
CA VAL B 171 25.79 1.98 -23.15
C VAL B 171 26.44 2.35 -21.82
N PRO B 172 25.81 2.07 -20.68
CA PRO B 172 26.43 2.43 -19.40
C PRO B 172 27.53 1.46 -19.06
N GLU B 173 28.61 2.00 -18.50
CA GLU B 173 29.72 1.19 -18.03
C GLU B 173 29.39 0.48 -16.72
N ARG B 174 28.50 1.06 -15.91
CA ARG B 174 28.12 0.47 -14.63
CA ARG B 174 28.12 0.46 -14.63
C ARG B 174 26.63 0.63 -14.43
N LEU B 175 25.97 -0.42 -13.94
CA LEU B 175 24.52 -0.34 -13.69
C LEU B 175 24.22 0.40 -12.39
N THR B 176 23.12 1.17 -12.38
CA THR B 176 22.69 1.89 -11.18
C THR B 176 21.77 1.00 -10.35
N PRO B 177 22.17 0.61 -9.14
CA PRO B 177 21.31 -0.23 -8.29
C PRO B 177 20.02 0.48 -7.91
N GLY B 178 18.93 -0.29 -7.90
CA GLY B 178 17.66 0.19 -7.40
C GLY B 178 17.34 -0.47 -6.07
N ASP B 179 16.54 0.21 -5.24
CA ASP B 179 16.12 -0.38 -3.97
C ASP B 179 15.30 -1.64 -4.20
N ASP B 180 14.42 -1.61 -5.21
CA ASP B 180 13.66 -2.79 -5.58
C ASP B 180 14.45 -3.72 -6.52
N TYR B 181 15.51 -3.21 -7.16
CA TYR B 181 16.24 -4.00 -8.16
C TYR B 181 17.73 -3.96 -7.86
N PRO B 182 18.22 -4.86 -6.99
CA PRO B 182 19.67 -5.01 -6.85
C PRO B 182 20.22 -5.50 -8.17
N VAL B 183 21.47 -5.14 -8.45
CA VAL B 183 22.07 -5.54 -9.72
C VAL B 183 22.32 -7.04 -9.71
N PRO B 184 22.01 -7.75 -10.79
CA PRO B 184 22.24 -9.19 -10.82
C PRO B 184 23.72 -9.53 -10.77
N GLU B 185 24.01 -10.73 -10.27
CA GLU B 185 25.37 -11.25 -10.36
C GLU B 185 25.84 -11.28 -11.82
N VAL B 186 24.95 -11.70 -12.72
CA VAL B 186 25.26 -11.75 -14.15
C VAL B 186 24.04 -11.27 -14.92
N LEU B 187 24.24 -10.35 -15.83
CA LEU B 187 23.16 -9.89 -16.71
C LEU B 187 23.70 -9.85 -18.12
N GLU B 188 23.16 -10.71 -18.96
CA GLU B 188 23.42 -10.68 -20.39
C GLU B 188 22.20 -10.05 -21.01
N VAL B 189 22.37 -8.87 -21.61
CA VAL B 189 21.25 -8.14 -22.20
C VAL B 189 21.53 -7.89 -23.67
N ARG B 190 20.50 -8.03 -24.48
CA ARG B 190 20.60 -7.91 -25.92
C ARG B 190 19.89 -6.66 -26.39
N GLY B 191 20.38 -6.07 -27.47
CA GLY B 191 19.74 -4.89 -27.99
C GLY B 191 20.23 -4.64 -29.40
N GLU B 192 19.81 -3.51 -29.95
CA GLU B 192 20.11 -3.13 -31.32
C GLU B 192 20.94 -1.85 -31.29
N VAL B 193 22.02 -1.82 -32.07
CA VAL B 193 22.84 -0.62 -32.26
C VAL B 193 22.48 -0.01 -33.61
N PHE B 194 22.34 1.32 -33.68
CA PHE B 194 21.79 1.91 -34.89
C PHE B 194 22.19 3.38 -34.97
N PHE B 195 21.96 3.95 -36.14
CA PHE B 195 22.09 5.38 -36.36
C PHE B 195 20.71 5.98 -36.53
N ARG B 196 20.50 7.18 -36.00
CA ARG B 196 19.39 8.00 -36.46
C ARG B 196 19.56 8.32 -37.94
N LEU B 197 18.44 8.53 -38.63
CA LEU B 197 18.48 8.69 -40.08
C LEU B 197 19.30 9.91 -40.50
N ASP B 198 19.18 11.01 -39.74
CA ASP B 198 19.95 12.21 -40.05
C ASP B 198 21.45 11.99 -39.85
N ASP B 199 21.82 11.24 -38.80
CA ASP B 199 23.23 10.93 -38.56
C ASP B 199 23.80 10.00 -39.62
N PHE B 200 23.00 9.03 -40.09
CA PHE B 200 23.49 8.17 -41.15
C PHE B 200 23.85 8.98 -42.39
N GLN B 201 22.96 9.89 -42.79
CA GLN B 201 23.24 10.70 -43.98
C GLN B 201 24.45 11.58 -43.75
N ALA B 202 24.59 12.13 -42.54
CA ALA B 202 25.74 12.95 -42.25
C ALA B 202 27.05 12.17 -42.38
N LEU B 203 27.08 10.94 -41.86
CA LEU B 203 28.30 10.14 -41.96
C LEU B 203 28.63 9.78 -43.41
N ASN B 204 27.61 9.45 -44.21
CA ASN B 204 27.86 9.15 -45.62
C ASN B 204 28.42 10.36 -46.35
N ALA B 205 27.84 11.54 -46.11
CA ALA B 205 28.34 12.76 -46.76
C ALA B 205 29.78 13.05 -46.33
N SER B 206 30.10 12.81 -45.06
CA SER B 206 31.48 12.99 -44.61
C SER B 206 32.40 11.98 -45.28
N LEU B 207 31.94 10.74 -45.46
CA LEU B 207 32.78 9.72 -46.08
C LEU B 207 33.01 10.02 -47.56
N VAL B 208 31.97 10.44 -48.29
CA VAL B 208 32.12 10.73 -49.70
C VAL B 208 33.08 11.90 -49.91
N GLU B 209 32.97 12.92 -49.06
CA GLU B 209 33.89 14.06 -49.12
C GLU B 209 35.30 13.65 -48.69
N GLU B 210 35.42 12.66 -47.81
CA GLU B 210 36.72 12.18 -47.34
C GLU B 210 37.36 11.17 -48.29
N GLY B 211 36.72 10.85 -49.41
CA GLY B 211 37.25 9.97 -50.42
C GLY B 211 37.00 8.49 -50.24
N LYS B 212 36.29 8.09 -49.19
CA LYS B 212 35.97 6.69 -48.95
C LYS B 212 34.61 6.33 -49.55
N ALA B 213 34.29 5.02 -49.57
CA ALA B 213 33.02 4.54 -50.10
C ALA B 213 31.91 4.69 -49.06
N PRO B 214 30.72 5.12 -49.47
CA PRO B 214 29.61 5.25 -48.51
C PRO B 214 28.96 3.91 -48.19
N PHE B 215 28.28 3.87 -47.05
CA PHE B 215 27.54 2.68 -46.66
C PHE B 215 26.24 2.59 -47.43
N ALA B 216 25.76 1.34 -47.60
CA ALA B 216 24.54 1.11 -48.37
C ALA B 216 23.34 1.78 -47.72
N ASN B 217 23.24 1.66 -46.41
CA ASN B 217 22.06 2.07 -45.67
C ASN B 217 22.45 2.15 -44.20
N PRO B 218 21.58 2.71 -43.34
CA PRO B 218 21.96 2.86 -41.92
C PRO B 218 22.29 1.56 -41.21
N ARG B 219 21.61 0.44 -41.51
CA ARG B 219 21.94 -0.82 -40.85
C ARG B 219 23.43 -1.12 -41.01
N ASN B 220 23.90 -1.08 -42.25
CA ASN B 220 25.27 -1.46 -42.54
C ASN B 220 26.23 -0.38 -42.11
N SER B 221 25.82 0.89 -42.19
CA SER B 221 26.61 1.94 -41.58
C SER B 221 26.78 1.70 -40.09
N ALA B 222 25.70 1.35 -39.38
CA ALA B 222 25.80 1.07 -37.96
C ALA B 222 26.68 -0.14 -37.71
N ALA B 223 26.43 -1.24 -38.43
CA ALA B 223 27.22 -2.45 -38.21
C ALA B 223 28.70 -2.21 -38.51
N GLY B 224 29.00 -1.51 -39.61
CA GLY B 224 30.39 -1.22 -39.94
C GLY B 224 31.07 -0.29 -38.95
N SER B 225 30.32 0.70 -38.42
CA SER B 225 30.85 1.60 -37.41
C SER B 225 31.09 0.88 -36.08
N LEU B 226 30.24 -0.08 -35.73
CA LEU B 226 30.50 -0.85 -34.51
C LEU B 226 31.70 -1.77 -34.69
N ARG B 227 31.76 -2.47 -35.83
CA ARG B 227 32.79 -3.51 -36.06
C ARG B 227 34.04 -2.88 -36.67
N GLN B 228 34.76 -2.14 -35.84
CA GLN B 228 35.99 -1.45 -36.24
C GLN B 228 37.13 -2.02 -35.41
N LYS B 229 38.22 -2.41 -36.09
CA LYS B 229 39.40 -2.82 -35.37
C LYS B 229 39.91 -1.71 -34.47
N ASP B 230 39.78 -0.45 -34.92
CA ASP B 230 40.19 0.70 -34.13
C ASP B 230 38.96 1.30 -33.46
N PRO B 231 38.79 1.14 -32.14
CA PRO B 231 37.59 1.69 -31.49
C PRO B 231 37.51 3.20 -31.54
N ALA B 232 38.62 3.90 -31.81
CA ALA B 232 38.56 5.35 -31.96
C ALA B 232 37.64 5.74 -33.11
N VAL B 233 37.56 4.89 -34.15
CA VAL B 233 36.62 5.16 -35.24
C VAL B 233 35.19 5.13 -34.73
N THR B 234 34.82 4.07 -34.00
CA THR B 234 33.49 3.99 -33.42
C THR B 234 33.18 5.20 -32.55
N ALA B 235 34.17 5.63 -31.75
CA ALA B 235 33.95 6.70 -30.78
C ALA B 235 33.56 8.02 -31.47
N ARG B 236 34.02 8.22 -32.69
CA ARG B 236 33.71 9.45 -33.43
C ARG B 236 32.31 9.44 -34.03
N ARG B 237 31.56 8.33 -33.95
CA ARG B 237 30.29 8.21 -34.65
C ARG B 237 29.15 8.03 -33.65
N ARG B 238 28.03 8.73 -33.90
CA ARG B 238 26.96 8.84 -32.92
C ARG B 238 26.02 7.63 -33.01
N LEU B 239 26.58 6.47 -32.68
CA LEU B 239 25.80 5.24 -32.56
C LEU B 239 24.86 5.31 -31.37
N ARG B 240 23.69 4.71 -31.51
CA ARG B 240 22.71 4.60 -30.45
C ARG B 240 22.52 3.13 -30.10
N MET B 241 21.84 2.86 -28.99
CA MET B 241 21.50 1.48 -28.67
CA MET B 241 21.51 1.48 -28.64
C MET B 241 20.20 1.45 -27.87
N ILE B 242 19.40 0.43 -28.15
CA ILE B 242 18.17 0.16 -27.42
C ILE B 242 18.20 -1.31 -27.02
N CYS B 243 17.99 -1.59 -25.73
CA CYS B 243 17.91 -2.99 -25.26
C CYS B 243 16.53 -3.56 -25.52
N HIS B 244 16.48 -4.82 -25.99
CA HIS B 244 15.19 -5.43 -26.31
C HIS B 244 15.11 -6.92 -25.98
N GLY B 245 15.99 -7.46 -25.15
CA GLY B 245 15.91 -8.87 -24.81
C GLY B 245 16.92 -9.24 -23.74
N LEU B 246 16.69 -10.40 -23.14
CA LEU B 246 17.55 -10.95 -22.09
C LEU B 246 18.19 -12.25 -22.54
N GLY B 247 19.47 -12.42 -22.23
CA GLY B 247 20.10 -13.71 -22.38
C GLY B 247 20.18 -14.36 -21.03
N HIS B 248 21.36 -14.87 -20.69
CA HIS B 248 21.56 -15.47 -19.38
C HIS B 248 21.52 -14.42 -18.28
N VAL B 249 20.84 -14.75 -17.18
CA VAL B 249 20.81 -13.89 -16.00
C VAL B 249 20.99 -14.76 -14.77
N GLU B 250 21.72 -14.23 -13.79
CA GLU B 250 21.89 -14.84 -12.48
C GLU B 250 21.59 -13.80 -11.41
N GLY B 251 20.67 -14.13 -10.50
CA GLY B 251 20.31 -13.21 -9.44
C GLY B 251 19.23 -12.25 -9.84
N PHE B 252 18.41 -12.62 -10.80
CA PHE B 252 17.36 -11.76 -11.33
C PHE B 252 16.37 -12.67 -12.03
N ARG B 253 15.11 -12.67 -11.59
CA ARG B 253 14.11 -13.63 -12.07
C ARG B 253 12.81 -12.93 -12.46
N PRO B 254 12.79 -12.17 -13.55
CA PRO B 254 11.55 -11.47 -13.93
C PRO B 254 10.47 -12.44 -14.37
N ALA B 255 9.22 -12.14 -14.00
CA ALA B 255 8.13 -13.00 -14.45
C ALA B 255 7.66 -12.66 -15.85
N THR B 256 7.94 -11.42 -16.31
CA THR B 256 7.49 -10.95 -17.61
C THR B 256 8.58 -10.09 -18.24
N LEU B 257 8.53 -10.00 -19.57
CA LEU B 257 9.38 -9.07 -20.27
C LEU B 257 9.12 -7.64 -19.83
N HIS B 258 7.86 -7.26 -19.60
CA HIS B 258 7.61 -5.87 -19.27
C HIS B 258 8.16 -5.54 -17.89
N GLN B 259 8.10 -6.47 -16.95
CA GLN B 259 8.78 -6.26 -15.66
C GLN B 259 10.30 -6.26 -15.83
N ALA B 260 10.83 -7.06 -16.76
CA ALA B 260 12.27 -7.02 -17.02
C ALA B 260 12.71 -5.64 -17.52
N TYR B 261 11.91 -5.01 -18.39
CA TYR B 261 12.23 -3.67 -18.87
C TYR B 261 12.23 -2.64 -17.77
N LEU B 262 11.35 -2.80 -16.76
CA LEU B 262 11.35 -1.91 -15.62
C LEU B 262 12.68 -1.99 -14.88
N ALA B 263 13.21 -3.20 -14.72
CA ALA B 263 14.51 -3.37 -14.09
C ALA B 263 15.63 -2.76 -14.96
N LEU B 264 15.64 -3.05 -16.26
CA LEU B 264 16.67 -2.47 -17.13
C LEU B 264 16.65 -0.95 -17.05
N ARG B 265 15.45 -0.36 -17.02
CA ARG B 265 15.32 1.09 -16.84
CA ARG B 265 15.32 1.09 -16.84
C ARG B 265 15.95 1.54 -15.53
N ALA B 266 15.57 0.90 -14.42
CA ALA B 266 16.12 1.26 -13.13
C ALA B 266 17.65 1.21 -13.12
N TRP B 267 18.22 0.21 -13.82
CA TRP B 267 19.66 0.03 -13.88
C TRP B 267 20.32 1.00 -14.85
N GLY B 268 19.55 1.82 -15.55
CA GLY B 268 20.10 2.84 -16.44
C GLY B 268 20.37 2.38 -17.86
N LEU B 269 19.87 1.20 -18.25
CA LEU B 269 20.04 0.75 -19.63
C LEU B 269 18.94 1.34 -20.51
N PRO B 270 19.25 1.60 -21.78
CA PRO B 270 18.26 2.24 -22.68
C PRO B 270 17.23 1.25 -23.18
N VAL B 271 15.96 1.63 -23.04
CA VAL B 271 14.85 0.82 -23.52
C VAL B 271 13.96 1.72 -24.37
N SER B 272 13.17 1.11 -25.25
CA SER B 272 12.31 1.88 -26.14
C SER B 272 11.13 2.49 -25.40
N GLU B 273 10.79 3.72 -25.77
CA GLU B 273 9.58 4.37 -25.26
C GLU B 273 8.33 4.00 -26.04
N HIS B 274 8.45 3.20 -27.09
CA HIS B 274 7.32 2.94 -27.98
C HIS B 274 6.68 1.58 -27.75
N THR B 275 7.17 0.80 -26.79
CA THR B 275 6.65 -0.54 -26.55
C THR B 275 5.30 -0.48 -25.85
N THR B 276 4.36 -1.35 -26.26
CA THR B 276 3.06 -1.44 -25.62
C THR B 276 2.76 -2.91 -25.31
N LEU B 277 1.85 -3.12 -24.35
CA LEU B 277 1.42 -4.46 -23.96
C LEU B 277 0.00 -4.67 -24.47
N ALA B 278 -0.21 -5.70 -25.28
CA ALA B 278 -1.53 -5.98 -25.82
C ALA B 278 -2.12 -7.21 -25.13
N THR B 279 -3.44 -7.19 -24.97
CA THR B 279 -4.10 -8.32 -24.30
C THR B 279 -4.52 -9.43 -25.25
N ASP B 280 -4.66 -9.15 -26.54
CA ASP B 280 -5.12 -10.19 -27.47
C ASP B 280 -4.61 -9.85 -28.86
N LEU B 281 -4.87 -10.77 -29.78
CA LEU B 281 -4.45 -10.60 -31.17
C LEU B 281 -5.03 -9.32 -31.77
N ALA B 282 -6.26 -8.98 -31.42
CA ALA B 282 -6.85 -7.74 -31.92
C ALA B 282 -6.02 -6.53 -31.50
N GLY B 283 -5.57 -6.49 -30.24
CA GLY B 283 -4.69 -5.42 -29.81
C GLY B 283 -3.38 -5.43 -30.57
N VAL B 284 -2.83 -6.60 -30.84
CA VAL B 284 -1.60 -6.69 -31.59
C VAL B 284 -1.77 -6.11 -32.99
N ARG B 285 -2.84 -6.51 -33.69
CA ARG B 285 -3.05 -6.02 -35.04
C ARG B 285 -3.23 -4.51 -35.05
N GLU B 286 -3.91 -3.97 -34.05
CA GLU B 286 -4.08 -2.52 -33.98
C GLU B 286 -2.74 -1.82 -33.82
N ARG B 287 -1.83 -2.39 -33.02
CA ARG B 287 -0.50 -1.79 -32.88
C ARG B 287 0.31 -1.89 -34.17
N ILE B 288 0.21 -3.02 -34.87
CA ILE B 288 0.88 -3.17 -36.14
C ILE B 288 0.35 -2.17 -37.15
N ASP B 289 -0.97 -2.00 -37.21
CA ASP B 289 -1.55 -0.97 -38.08
C ASP B 289 -1.07 0.43 -37.69
N TYR B 290 -1.02 0.71 -36.39
CA TYR B 290 -0.56 2.03 -35.95
C TYR B 290 0.87 2.32 -36.44
N TRP B 291 1.79 1.36 -36.25
CA TRP B 291 3.16 1.68 -36.63
C TRP B 291 3.37 1.70 -38.12
N GLY B 292 2.52 1.02 -38.89
CA GLY B 292 2.55 1.20 -40.32
C GLY B 292 2.37 2.66 -40.72
N GLU B 293 1.50 3.37 -39.99
CA GLU B 293 1.22 4.77 -40.29
C GLU B 293 2.18 5.75 -39.62
N HIS B 294 2.81 5.37 -38.52
CA HIS B 294 3.58 6.35 -37.75
C HIS B 294 5.07 6.06 -37.71
N ARG B 295 5.56 4.99 -38.35
CA ARG B 295 6.97 4.64 -38.23
C ARG B 295 7.89 5.69 -38.84
N HIS B 296 7.40 6.47 -39.80
CA HIS B 296 8.19 7.59 -40.28
C HIS B 296 8.40 8.67 -39.22
N GLU B 297 7.63 8.63 -38.12
CA GLU B 297 7.81 9.59 -37.05
C GLU B 297 8.88 9.19 -36.05
N VAL B 298 9.30 7.93 -36.06
CA VAL B 298 10.45 7.51 -35.28
C VAL B 298 11.70 7.83 -36.07
N ASP B 299 12.71 8.37 -35.40
CA ASP B 299 13.87 8.91 -36.09
C ASP B 299 14.89 7.85 -36.50
N HIS B 300 14.59 6.58 -36.31
CA HIS B 300 15.47 5.51 -36.77
C HIS B 300 14.66 4.52 -37.57
N GLU B 301 15.38 3.69 -38.32
CA GLU B 301 14.72 2.78 -39.25
C GLU B 301 14.03 1.63 -38.52
N ILE B 302 12.78 1.42 -38.88
CA ILE B 302 11.94 0.35 -38.37
C ILE B 302 11.64 -0.57 -39.54
N ASP B 303 11.95 -1.86 -39.41
CA ASP B 303 11.56 -2.77 -40.48
C ASP B 303 10.41 -3.68 -40.08
N GLY B 304 9.72 -3.39 -38.98
CA GLY B 304 8.59 -4.20 -38.59
C GLY B 304 8.23 -3.97 -37.14
N VAL B 305 7.42 -4.88 -36.61
CA VAL B 305 7.03 -4.89 -35.21
C VAL B 305 7.27 -6.29 -34.71
N VAL B 306 7.93 -6.42 -33.56
CA VAL B 306 8.13 -7.72 -32.95
C VAL B 306 7.05 -7.92 -31.89
N VAL B 307 6.31 -9.02 -32.02
CA VAL B 307 5.29 -9.44 -31.08
C VAL B 307 5.87 -10.53 -30.19
N LYS B 308 5.80 -10.35 -28.88
CA LYS B 308 6.44 -11.29 -27.97
C LYS B 308 5.47 -11.73 -26.88
N VAL B 309 5.38 -13.04 -26.63
CA VAL B 309 4.69 -13.50 -25.42
C VAL B 309 5.38 -12.87 -24.23
N ASP B 310 4.59 -12.17 -23.41
CA ASP B 310 5.17 -11.38 -22.32
C ASP B 310 5.60 -12.25 -21.15
N GLU B 311 4.82 -13.29 -20.82
CA GLU B 311 5.10 -14.13 -19.65
C GLU B 311 6.30 -15.05 -19.89
N VAL B 312 7.33 -14.94 -19.04
CA VAL B 312 8.55 -15.74 -19.22
C VAL B 312 8.26 -17.23 -19.05
N ALA B 313 7.39 -17.60 -18.13
CA ALA B 313 7.08 -19.03 -17.99
C ALA B 313 6.50 -19.59 -19.29
N LEU B 314 5.71 -18.78 -20.00
CA LEU B 314 5.16 -19.28 -21.26
C LEU B 314 6.21 -19.30 -22.36
N GLN B 315 7.13 -18.31 -22.38
CA GLN B 315 8.23 -18.38 -23.34
C GLN B 315 9.02 -19.67 -23.16
N ARG B 316 9.27 -20.04 -21.90
CA ARG B 316 10.06 -21.23 -21.62
C ARG B 316 9.34 -22.49 -22.09
N ARG B 317 8.01 -22.53 -21.93
CA ARG B 317 7.22 -23.67 -22.41
C ARG B 317 7.22 -23.73 -23.93
N LEU B 318 7.16 -22.57 -24.59
CA LEU B 318 7.15 -22.52 -26.05
C LEU B 318 8.52 -22.85 -26.63
N GLY B 319 9.57 -22.36 -26.01
CA GLY B 319 10.92 -22.74 -26.40
C GLY B 319 11.40 -21.99 -27.63
N SER B 320 12.37 -22.60 -28.30
CA SER B 320 12.99 -21.96 -29.45
C SER B 320 13.48 -23.04 -30.40
N THR B 321 13.57 -22.71 -31.70
CA THR B 321 14.18 -23.58 -32.68
C THR B 321 15.70 -23.37 -32.62
N SER B 322 16.44 -24.05 -33.51
CA SER B 322 17.87 -23.80 -33.62
C SER B 322 18.19 -22.35 -33.98
N ARG B 323 17.25 -21.58 -34.54
CA ARG B 323 17.56 -20.24 -34.99
CA ARG B 323 17.56 -20.23 -35.00
C ARG B 323 16.59 -19.16 -34.55
N ALA B 324 15.50 -19.50 -33.85
CA ALA B 324 14.57 -18.43 -33.50
C ALA B 324 13.71 -18.86 -32.34
N PRO B 325 13.28 -17.93 -31.49
CA PRO B 325 12.34 -18.28 -30.44
C PRO B 325 10.98 -18.62 -31.03
N ARG B 326 10.28 -19.55 -30.38
CA ARG B 326 8.91 -19.89 -30.80
C ARG B 326 7.86 -18.99 -30.14
N TRP B 327 8.29 -18.13 -29.22
CA TRP B 327 7.39 -17.26 -28.47
C TRP B 327 7.38 -15.84 -28.98
N ALA B 328 8.01 -15.57 -30.13
CA ALA B 328 8.02 -14.22 -30.69
C ALA B 328 7.95 -14.31 -32.21
N ILE B 329 7.40 -13.27 -32.84
CA ILE B 329 7.38 -13.20 -34.30
C ILE B 329 7.50 -11.74 -34.75
N ALA B 330 8.20 -11.53 -35.85
CA ALA B 330 8.37 -10.20 -36.43
C ALA B 330 7.36 -10.03 -37.55
N TYR B 331 6.44 -9.08 -37.39
CA TYR B 331 5.59 -8.72 -38.52
C TYR B 331 6.34 -7.72 -39.37
N LYS B 332 6.50 -8.01 -40.66
CA LYS B 332 7.35 -7.20 -41.52
C LYS B 332 6.52 -6.29 -42.42
N TYR B 333 6.97 -4.95 -42.53
CA TYR B 333 6.22 -4.09 -43.42
C TYR B 333 6.79 -4.20 -44.84
N PRO B 334 5.94 -4.03 -45.86
CA PRO B 334 6.31 -3.92 -47.29
C PRO B 334 7.43 -2.92 -47.61
N THR C 17 10.55 45.94 20.89
CA THR C 17 10.45 45.47 19.51
C THR C 17 9.13 44.76 19.25
N ALA C 18 8.02 45.47 19.45
CA ALA C 18 6.72 44.97 19.01
C ALA C 18 6.68 44.58 17.54
N PRO C 19 7.27 45.34 16.60
CA PRO C 19 7.31 44.85 15.22
C PRO C 19 7.96 43.48 15.07
N GLU C 20 9.18 43.31 15.59
CA GLU C 20 9.87 42.03 15.44
C GLU C 20 9.11 40.89 16.13
N VAL C 21 8.52 41.16 17.30
CA VAL C 21 7.81 40.12 18.03
C VAL C 21 6.53 39.73 17.31
N LEU C 22 5.78 40.71 16.82
CA LEU C 22 4.51 40.41 16.16
C LEU C 22 4.75 39.69 14.84
N ARG C 23 5.68 40.18 14.03
CA ARG C 23 6.01 39.50 12.77
C ARG C 23 6.47 38.07 13.04
N GLN C 24 7.25 37.87 14.10
CA GLN C 24 7.63 36.52 14.51
C GLN C 24 6.41 35.68 14.85
N TRP C 25 5.44 36.25 15.58
CA TRP C 25 4.21 35.52 15.85
C TRP C 25 3.47 35.18 14.56
N GLN C 26 3.35 36.15 13.66
CA GLN C 26 2.62 35.94 12.42
C GLN C 26 3.26 34.84 11.57
N ALA C 27 4.58 34.90 11.43
CA ALA C 27 5.28 33.89 10.64
C ALA C 27 5.08 32.50 11.21
N LEU C 28 5.18 32.38 12.54
CA LEU C 28 5.03 31.08 13.19
C LEU C 28 3.60 30.60 13.15
N ALA C 29 2.63 31.49 13.40
CA ALA C 29 1.23 31.06 13.36
C ALA C 29 0.85 30.56 11.97
N GLU C 30 1.31 31.25 10.93
CA GLU C 30 1.01 30.82 9.56
C GLU C 30 1.63 29.45 9.27
N GLU C 31 2.84 29.21 9.79
CA GLU C 31 3.49 27.90 9.62
C GLU C 31 2.71 26.79 10.32
N VAL C 32 2.28 27.02 11.57
CA VAL C 32 1.45 26.02 12.25
C VAL C 32 0.20 25.75 11.44
N ARG C 33 -0.43 26.82 10.93
CA ARG C 33 -1.68 26.68 10.18
C ARG C 33 -1.47 25.91 8.88
N GLU C 34 -0.36 26.14 8.19
CA GLU C 34 -0.06 25.38 6.99
C GLU C 34 0.00 23.89 7.31
N HIS C 35 0.70 23.52 8.37
CA HIS C 35 0.86 22.10 8.68
C HIS C 35 -0.42 21.48 9.19
N GLN C 36 -1.24 22.24 9.92
CA GLN C 36 -2.54 21.72 10.33
C GLN C 36 -3.43 21.48 9.11
N PHE C 37 -3.41 22.39 8.13
CA PHE C 37 -4.16 22.17 6.89
C PHE C 37 -3.64 20.93 6.17
N ARG C 38 -2.31 20.81 6.02
CA ARG C 38 -1.74 19.65 5.36
C ARG C 38 -2.14 18.35 6.07
N TYR C 39 -2.21 18.38 7.40
CA TYR C 39 -2.49 17.18 8.18
C TYR C 39 -3.99 16.86 8.16
N TYR C 40 -4.81 17.82 8.60
CA TYR C 40 -6.24 17.59 8.82
C TYR C 40 -7.05 17.61 7.52
N VAL C 41 -6.67 18.44 6.56
CA VAL C 41 -7.44 18.58 5.33
C VAL C 41 -6.91 17.68 4.22
N ARG C 42 -5.58 17.59 4.07
CA ARG C 42 -5.02 16.85 2.95
C ARG C 42 -4.46 15.49 3.37
N ASP C 43 -4.41 15.20 4.67
CA ASP C 43 -3.84 13.96 5.16
C ASP C 43 -2.47 13.67 4.54
N ALA C 44 -1.69 14.73 4.35
CA ALA C 44 -0.39 14.64 3.68
C ALA C 44 0.55 15.62 4.36
N PRO C 45 0.92 15.37 5.62
CA PRO C 45 1.87 16.25 6.31
C PRO C 45 3.24 16.16 5.66
N ILE C 46 4.02 17.23 5.77
CA ILE C 46 5.38 17.24 5.23
C ILE C 46 6.44 17.41 6.31
N ILE C 47 6.05 17.49 7.58
CA ILE C 47 6.98 17.43 8.68
C ILE C 47 6.48 16.37 9.64
N SER C 48 7.37 15.93 10.52
CA SER C 48 6.99 14.91 11.47
C SER C 48 6.07 15.48 12.56
N ASP C 49 5.35 14.57 13.21
CA ASP C 49 4.49 14.97 14.32
C ASP C 49 5.29 15.65 15.42
N ALA C 50 6.51 15.15 15.69
CA ALA C 50 7.35 15.78 16.71
C ALA C 50 7.78 17.19 16.29
N GLU C 51 8.13 17.39 15.02
CA GLU C 51 8.48 18.73 14.56
C GLU C 51 7.29 19.68 14.65
N PHE C 52 6.10 19.20 14.27
CA PHE C 52 4.92 20.04 14.39
C PHE C 52 4.65 20.41 15.84
N ASP C 53 4.69 19.43 16.74
CA ASP C 53 4.46 19.72 18.16
C ASP C 53 5.42 20.79 18.66
N GLU C 54 6.66 20.76 18.18
CA GLU C 54 7.64 21.76 18.58
C GLU C 54 7.25 23.14 18.05
N LEU C 55 6.78 23.21 16.80
CA LEU C 55 6.28 24.48 16.29
C LEU C 55 5.18 25.05 17.17
N LEU C 56 4.21 24.21 17.51
CA LEU C 56 3.08 24.68 18.31
C LEU C 56 3.53 25.09 19.71
N ARG C 57 4.47 24.33 20.31
CA ARG C 57 4.97 24.69 21.63
C ARG C 57 5.74 26.01 21.59
N ARG C 58 6.49 26.25 20.52
CA ARG C 58 7.15 27.55 20.38
C ARG C 58 6.14 28.68 20.27
N LEU C 59 5.04 28.44 19.54
CA LEU C 59 4.03 29.49 19.42
C LEU C 59 3.40 29.79 20.77
N GLU C 60 3.03 28.74 21.52
CA GLU C 60 2.47 28.95 22.84
C GLU C 60 3.46 29.69 23.75
N ALA C 61 4.75 29.34 23.63
CA ALA C 61 5.77 30.01 24.42
C ALA C 61 5.91 31.48 24.02
N LEU C 62 5.79 31.79 22.73
CA LEU C 62 5.84 33.20 22.33
C LEU C 62 4.66 33.97 22.91
N GLU C 63 3.47 33.37 22.90
CA GLU C 63 2.28 34.05 23.42
C GLU C 63 2.35 34.19 24.93
N GLU C 64 2.91 33.19 25.63
CA GLU C 64 3.08 33.30 27.07
C GLU C 64 4.05 34.41 27.42
N GLN C 65 5.12 34.57 26.64
CA GLN C 65 6.10 35.60 26.94
C GLN C 65 5.58 37.00 26.61
N HIS C 66 4.76 37.13 25.56
CA HIS C 66 4.19 38.41 25.17
C HIS C 66 2.68 38.28 25.17
N PRO C 67 2.03 38.53 26.31
CA PRO C 67 0.59 38.26 26.40
C PRO C 67 -0.22 39.04 25.38
N GLU C 68 0.28 40.19 24.92
CA GLU C 68 -0.41 40.97 23.91
C GLU C 68 -0.58 40.20 22.61
N LEU C 69 0.19 39.12 22.41
CA LEU C 69 -0.01 38.27 21.25
C LEU C 69 -1.17 37.30 21.42
N ARG C 70 -1.69 37.13 22.64
CA ARG C 70 -2.80 36.23 22.87
C ARG C 70 -4.00 36.69 22.06
N THR C 71 -4.44 35.84 21.14
CA THR C 71 -5.58 36.21 20.33
C THR C 71 -6.52 35.02 20.30
N PRO C 72 -7.83 35.26 20.25
CA PRO C 72 -8.78 34.15 20.50
C PRO C 72 -8.73 33.05 19.47
N ASP C 73 -8.33 33.33 18.23
CA ASP C 73 -8.31 32.31 17.20
C ASP C 73 -6.91 31.83 16.86
N SER C 74 -5.94 32.08 17.74
CA SER C 74 -4.62 31.48 17.59
C SER C 74 -4.74 29.96 17.60
N PRO C 75 -3.86 29.27 16.88
CA PRO C 75 -3.83 27.79 16.94
C PRO C 75 -3.66 27.25 18.35
N THR C 76 -3.16 28.05 19.30
CA THR C 76 -3.03 27.63 20.68
C THR C 76 -4.36 27.49 21.41
N GLN C 77 -5.47 27.99 20.84
CA GLN C 77 -6.75 27.96 21.51
C GLN C 77 -7.80 27.10 20.80
N LEU C 78 -7.52 26.61 19.61
CA LEU C 78 -8.54 25.99 18.78
C LEU C 78 -8.29 24.50 18.56
N VAL C 79 -9.36 23.80 18.19
CA VAL C 79 -9.25 22.42 17.76
C VAL C 79 -8.54 22.39 16.41
N GLY C 80 -7.44 21.63 16.34
CA GLY C 80 -6.73 21.49 15.09
C GLY C 80 -7.67 21.05 13.98
N GLY C 81 -7.71 21.83 12.89
CA GLY C 81 -8.70 21.65 11.86
C GLY C 81 -9.65 22.81 11.74
N ALA C 82 -9.69 23.68 12.76
CA ALA C 82 -10.51 24.89 12.69
C ALA C 82 -10.05 25.81 11.57
N GLY C 83 -11.01 26.51 10.97
CA GLY C 83 -10.75 27.58 10.03
C GLY C 83 -10.57 27.17 8.58
N PHE C 84 -10.76 25.90 8.24
CA PHE C 84 -10.56 25.42 6.89
C PHE C 84 -11.89 25.00 6.26
N ALA C 85 -11.96 25.09 4.94
CA ALA C 85 -13.07 24.54 4.17
C ALA C 85 -12.65 23.25 3.49
N THR C 86 -13.62 22.35 3.30
CA THR C 86 -13.38 21.12 2.54
C THR C 86 -14.56 20.83 1.62
N ASP C 87 -14.40 19.79 0.80
CA ASP C 87 -15.37 19.41 -0.22
C ASP C 87 -16.53 18.57 0.32
N PHE C 88 -16.49 18.13 1.58
CA PHE C 88 -17.55 17.31 2.14
C PHE C 88 -18.67 18.20 2.71
N GLU C 89 -19.83 17.59 2.91
CA GLU C 89 -20.95 18.32 3.54
C GLU C 89 -20.66 18.58 5.01
N PRO C 90 -20.70 19.83 5.48
CA PRO C 90 -20.52 20.07 6.91
C PRO C 90 -21.75 19.64 7.71
N VAL C 91 -21.50 19.04 8.87
CA VAL C 91 -22.56 18.65 9.81
C VAL C 91 -22.12 18.98 11.22
N ASP C 92 -23.03 19.54 12.01
CA ASP C 92 -22.70 19.98 13.35
C ASP C 92 -22.73 18.78 14.31
N HIS C 93 -21.69 18.65 15.13
CA HIS C 93 -21.75 17.67 16.19
C HIS C 93 -22.86 18.04 17.17
N LEU C 94 -23.34 17.04 17.93
CA LEU C 94 -24.36 17.29 18.94
C LEU C 94 -23.76 17.86 20.21
N GLU C 95 -22.49 17.56 20.46
CA GLU C 95 -21.71 18.10 21.56
C GLU C 95 -20.33 18.42 21.00
N ARG C 96 -19.65 19.41 21.59
CA ARG C 96 -18.32 19.76 21.10
C ARG C 96 -17.41 18.52 21.12
N MET C 97 -16.58 18.41 20.09
CA MET C 97 -15.67 17.28 19.95
C MET C 97 -14.25 17.83 20.02
N LEU C 98 -13.52 17.49 21.07
CA LEU C 98 -12.32 18.24 21.43
C LEU C 98 -11.05 17.45 21.14
N SER C 99 -9.91 18.12 21.35
CA SER C 99 -8.59 17.53 21.33
C SER C 99 -8.26 17.00 22.74
N LEU C 100 -6.98 16.77 23.02
CA LEU C 100 -6.48 16.39 24.34
C LEU C 100 -5.23 17.20 24.62
N ASP C 101 -5.09 17.67 25.85
CA ASP C 101 -3.80 18.20 26.25
C ASP C 101 -2.85 17.04 26.54
N ASN C 102 -1.55 17.36 26.55
CA ASN C 102 -0.47 16.36 26.57
C ASN C 102 0.41 16.52 27.80
N ALA C 103 0.92 15.40 28.28
CA ALA C 103 2.02 15.34 29.24
C ALA C 103 3.16 14.55 28.64
N PHE C 104 4.38 15.08 28.73
CA PHE C 104 5.56 14.39 28.23
C PHE C 104 6.52 13.95 29.34
N THR C 105 6.33 14.42 30.57
CA THR C 105 7.28 14.15 31.64
C THR C 105 6.54 13.75 32.91
N ALA C 106 7.31 13.26 33.87
CA ALA C 106 6.74 12.91 35.17
C ALA C 106 6.15 14.13 35.86
N ASP C 107 6.80 15.28 35.75
CA ASP C 107 6.31 16.51 36.37
C ASP C 107 5.02 16.99 35.73
N GLU C 108 4.89 16.90 34.41
CA GLU C 108 3.66 17.37 33.77
C GLU C 108 2.48 16.48 34.14
N LEU C 109 2.70 15.18 34.24
CA LEU C 109 1.63 14.28 34.67
C LEU C 109 1.23 14.58 36.11
N ALA C 110 2.21 14.78 36.98
CA ALA C 110 1.90 15.07 38.38
C ALA C 110 1.22 16.42 38.54
N ALA C 111 1.54 17.40 37.68
CA ALA C 111 0.84 18.68 37.73
C ALA C 111 -0.63 18.51 37.39
N TRP C 112 -0.93 17.67 36.39
CA TRP C 112 -2.31 17.40 36.05
C TRP C 112 -3.03 16.73 37.21
N ALA C 113 -2.39 15.73 37.82
CA ALA C 113 -3.01 15.07 38.97
C ALA C 113 -3.18 16.06 40.13
N GLY C 114 -2.22 16.96 40.30
CA GLY C 114 -2.39 17.98 41.34
C GLY C 114 -3.61 18.85 41.09
N ARG C 115 -3.84 19.21 39.83
CA ARG C 115 -5.04 19.98 39.47
C ARG C 115 -6.30 19.21 39.80
N ILE C 116 -6.38 17.94 39.36
CA ILE C 116 -7.53 17.10 39.67
C ILE C 116 -7.79 17.09 41.17
N HIS C 117 -6.76 16.77 41.96
CA HIS C 117 -6.94 16.73 43.41
C HIS C 117 -7.37 18.08 43.96
N ALA C 118 -6.85 19.18 43.42
CA ALA C 118 -7.23 20.47 43.96
C ALA C 118 -8.68 20.81 43.64
N GLU C 119 -9.22 20.30 42.54
CA GLU C 119 -10.56 20.68 42.13
C GLU C 119 -11.63 19.68 42.55
N VAL C 120 -11.38 18.37 42.48
CA VAL C 120 -12.39 17.37 42.82
C VAL C 120 -11.93 16.43 43.94
N GLY C 121 -10.72 16.59 44.44
CA GLY C 121 -10.26 15.81 45.57
C GLY C 121 -9.76 14.42 45.19
N ASP C 122 -9.60 13.59 46.22
CA ASP C 122 -9.05 12.25 46.13
C ASP C 122 -10.04 11.20 45.63
N ALA C 123 -11.28 11.58 45.36
CA ALA C 123 -12.33 10.63 45.03
C ALA C 123 -12.18 10.02 43.64
N ALA C 124 -11.51 10.69 42.72
CA ALA C 124 -11.46 10.25 41.34
C ALA C 124 -10.71 8.94 41.18
N HIS C 125 -11.22 8.09 40.30
CA HIS C 125 -10.50 6.97 39.73
C HIS C 125 -10.09 7.34 38.31
N TYR C 126 -9.09 6.63 37.79
CA TYR C 126 -8.49 7.00 36.52
C TYR C 126 -8.56 5.84 35.54
N LEU C 127 -9.35 6.03 34.49
CA LEU C 127 -9.38 5.09 33.38
C LEU C 127 -8.18 5.36 32.49
N CYS C 128 -7.43 4.31 32.16
CA CYS C 128 -6.22 4.40 31.37
C CYS C 128 -6.44 3.65 30.07
N GLU C 129 -6.41 4.37 28.95
CA GLU C 129 -6.66 3.79 27.64
C GLU C 129 -5.45 3.99 26.72
N LEU C 130 -5.26 3.05 25.81
CA LEU C 130 -4.28 3.27 24.74
C LEU C 130 -4.74 4.41 23.82
N LYS C 131 -3.82 5.31 23.52
CA LYS C 131 -4.08 6.40 22.58
C LYS C 131 -3.74 5.92 21.18
N ILE C 132 -4.76 5.71 20.35
CA ILE C 132 -4.58 5.20 19.01
C ILE C 132 -4.20 6.35 18.07
N ASP C 133 -3.16 6.14 17.26
CA ASP C 133 -2.71 7.16 16.32
C ASP C 133 -3.48 7.01 15.00
N GLY C 134 -4.76 7.34 15.06
CA GLY C 134 -5.66 7.22 13.94
C GLY C 134 -6.35 8.54 13.62
N VAL C 135 -7.56 8.43 13.10
CA VAL C 135 -8.36 9.59 12.74
C VAL C 135 -9.65 9.55 13.55
N ALA C 136 -10.04 10.72 14.07
CA ALA C 136 -11.20 10.80 14.94
C ALA C 136 -12.49 10.67 14.13
N LEU C 137 -13.48 9.99 14.72
CA LEU C 137 -14.77 9.81 14.07
C LEU C 137 -15.87 9.93 15.11
N SER C 138 -16.95 10.60 14.75
CA SER C 138 -18.10 10.72 15.62
C SER C 138 -19.30 10.07 14.93
N LEU C 139 -19.95 9.14 15.63
CA LEU C 139 -21.11 8.42 15.12
C LEU C 139 -22.35 8.83 15.90
N VAL C 140 -23.47 9.01 15.20
CA VAL C 140 -24.76 9.31 15.85
C VAL C 140 -25.70 8.15 15.60
N TYR C 141 -26.18 7.53 16.67
CA TYR C 141 -27.24 6.54 16.62
C TYR C 141 -28.51 7.15 17.18
N ARG C 142 -29.59 7.10 16.40
CA ARG C 142 -30.90 7.57 16.83
C ARG C 142 -31.80 6.34 16.97
N GLU C 143 -32.26 6.08 18.19
CA GLU C 143 -33.04 4.88 18.51
C GLU C 143 -32.38 3.61 17.98
N GLY C 144 -31.05 3.56 18.09
CA GLY C 144 -30.30 2.37 17.76
C GLY C 144 -29.84 2.25 16.32
N ARG C 145 -30.25 3.16 15.45
CA ARG C 145 -29.86 3.11 14.04
C ARG C 145 -28.81 4.18 13.75
N LEU C 146 -27.76 3.80 13.04
CA LEU C 146 -26.73 4.76 12.64
C LEU C 146 -27.28 5.74 11.62
N THR C 147 -27.32 7.02 11.97
CA THR C 147 -27.82 8.05 11.09
C THR C 147 -26.76 9.01 10.58
N ARG C 148 -25.57 9.02 11.18
CA ARG C 148 -24.57 10.00 10.79
C ARG C 148 -23.21 9.61 11.35
N ALA C 149 -22.18 9.82 10.54
CA ALA C 149 -20.79 9.76 10.97
C ALA C 149 -20.09 11.01 10.46
N SER C 150 -19.26 11.61 11.32
CA SER C 150 -18.63 12.89 11.04
C SER C 150 -17.17 12.88 11.46
N THR C 151 -16.33 13.58 10.69
CA THR C 151 -14.99 13.84 11.18
C THR C 151 -15.03 14.91 12.27
N ARG C 152 -13.90 15.11 12.94
CA ARG C 152 -13.86 16.11 14.00
C ARG C 152 -14.11 17.53 13.48
N GLY C 153 -13.50 17.90 12.35
CA GLY C 153 -13.65 19.28 11.86
C GLY C 153 -13.06 20.28 12.82
N ASP C 154 -13.79 21.37 13.09
CA ASP C 154 -13.29 22.41 13.99
C ASP C 154 -13.75 22.21 15.43
N GLY C 155 -14.27 21.04 15.77
CA GLY C 155 -14.78 20.77 17.09
C GLY C 155 -16.27 21.01 17.23
N ARG C 156 -16.83 21.91 16.43
CA ARG C 156 -18.25 22.18 16.35
C ARG C 156 -18.90 21.55 15.13
N THR C 157 -18.22 21.62 13.99
CA THR C 157 -18.75 21.17 12.70
C THR C 157 -17.72 20.26 12.05
N GLY C 158 -18.15 19.05 11.69
CA GLY C 158 -17.30 18.10 11.02
C GLY C 158 -17.75 17.84 9.59
N GLU C 159 -17.10 16.87 8.96
CA GLU C 159 -17.39 16.51 7.58
C GLU C 159 -18.20 15.23 7.58
N ASP C 160 -19.29 15.23 6.82
CA ASP C 160 -20.17 14.06 6.75
C ASP C 160 -19.47 12.97 5.96
N VAL C 161 -19.10 11.89 6.65
CA VAL C 161 -18.51 10.73 5.99
C VAL C 161 -19.36 9.52 6.37
N THR C 162 -20.68 9.72 6.47
CA THR C 162 -21.57 8.65 6.89
C THR C 162 -21.47 7.45 5.96
N LEU C 163 -21.53 7.70 4.65
CA LEU C 163 -21.46 6.60 3.69
C LEU C 163 -20.13 5.85 3.82
N ASN C 164 -19.06 6.56 4.12
CA ASN C 164 -17.76 5.90 4.30
C ASN C 164 -17.77 5.04 5.56
N ALA C 165 -18.28 5.59 6.65
CA ALA C 165 -18.28 4.85 7.91
C ALA C 165 -19.16 3.61 7.86
N ARG C 166 -20.23 3.64 7.05
CA ARG C 166 -21.09 2.46 6.95
C ARG C 166 -20.33 1.26 6.41
N THR C 167 -19.27 1.50 5.64
CA THR C 167 -18.49 0.41 5.06
C THR C 167 -17.51 -0.22 6.05
N ILE C 168 -17.28 0.42 7.19
CA ILE C 168 -16.32 -0.09 8.17
C ILE C 168 -16.99 -1.24 8.92
N ALA C 169 -16.37 -2.42 8.89
CA ALA C 169 -17.01 -3.60 9.46
C ALA C 169 -17.24 -3.45 10.96
N ASP C 170 -16.31 -2.80 11.66
CA ASP C 170 -16.44 -2.59 13.10
C ASP C 170 -17.60 -1.68 13.46
N VAL C 171 -18.12 -0.92 12.51
CA VAL C 171 -19.16 0.08 12.77
C VAL C 171 -20.51 -0.60 12.52
N PRO C 172 -21.32 -0.85 13.54
CA PRO C 172 -22.60 -1.52 13.32
C PRO C 172 -23.66 -0.58 12.78
N GLU C 173 -24.50 -1.09 11.88
CA GLU C 173 -25.61 -0.30 11.38
C GLU C 173 -26.67 -0.09 12.44
N ARG C 174 -26.85 -1.07 13.32
CA ARG C 174 -27.84 -0.98 14.39
C ARG C 174 -27.23 -1.46 15.69
N LEU C 175 -27.68 -0.88 16.80
CA LEU C 175 -27.19 -1.28 18.11
C LEU C 175 -28.02 -2.45 18.63
N THR C 176 -27.34 -3.40 19.27
CA THR C 176 -28.03 -4.59 19.80
C THR C 176 -28.54 -4.29 21.20
N PRO C 177 -29.85 -4.35 21.44
CA PRO C 177 -30.37 -4.04 22.79
C PRO C 177 -29.82 -4.99 23.83
N GLY C 178 -29.46 -4.44 24.99
CA GLY C 178 -29.03 -5.23 26.12
C GLY C 178 -30.12 -5.23 27.19
N ASP C 179 -30.16 -6.30 27.98
CA ASP C 179 -31.12 -6.38 29.06
C ASP C 179 -30.79 -5.40 30.17
N ASP C 180 -29.51 -5.22 30.47
CA ASP C 180 -29.08 -4.29 31.50
C ASP C 180 -28.96 -2.85 31.00
N TYR C 181 -28.82 -2.64 29.70
CA TYR C 181 -28.60 -1.30 29.13
C TYR C 181 -29.54 -1.10 27.95
N PRO C 182 -30.72 -0.51 28.18
CA PRO C 182 -31.60 -0.17 27.05
C PRO C 182 -30.93 0.79 26.09
N VAL C 183 -31.34 0.71 24.83
CA VAL C 183 -30.78 1.56 23.77
C VAL C 183 -31.22 3.00 23.99
N PRO C 184 -30.31 3.97 23.96
CA PRO C 184 -30.70 5.37 24.16
C PRO C 184 -31.49 5.92 22.98
N GLU C 185 -32.31 6.94 23.27
CA GLU C 185 -32.97 7.67 22.20
C GLU C 185 -31.95 8.28 21.24
N VAL C 186 -30.88 8.86 21.78
CA VAL C 186 -29.81 9.44 20.98
C VAL C 186 -28.47 9.06 21.60
N LEU C 187 -27.55 8.55 20.79
CA LEU C 187 -26.19 8.25 21.23
C LEU C 187 -25.20 8.83 20.24
N GLU C 188 -24.41 9.79 20.68
CA GLU C 188 -23.27 10.27 19.93
C GLU C 188 -22.03 9.65 20.57
N VAL C 189 -21.33 8.80 19.82
CA VAL C 189 -20.16 8.10 20.33
C VAL C 189 -18.95 8.43 19.47
N ARG C 190 -17.82 8.64 20.12
CA ARG C 190 -16.58 9.04 19.45
C ARG C 190 -15.58 7.89 19.52
N GLY C 191 -14.72 7.81 18.52
CA GLY C 191 -13.71 6.78 18.47
C GLY C 191 -12.63 7.11 17.46
N GLU C 192 -11.70 6.18 17.30
CA GLU C 192 -10.55 6.32 16.41
C GLU C 192 -10.66 5.30 15.29
N VAL C 193 -10.44 5.75 14.07
CA VAL C 193 -10.36 4.89 12.90
C VAL C 193 -8.90 4.73 12.53
N PHE C 194 -8.50 3.51 12.18
CA PHE C 194 -7.09 3.20 12.02
C PHE C 194 -6.95 1.94 11.16
N PHE C 195 -5.71 1.69 10.75
CA PHE C 195 -5.31 0.44 10.12
C PHE C 195 -4.46 -0.37 11.09
N ARG C 196 -4.65 -1.70 11.07
CA ARG C 196 -3.61 -2.58 11.58
C ARG C 196 -2.35 -2.38 10.75
N LEU C 197 -1.18 -2.48 11.41
CA LEU C 197 0.08 -2.20 10.74
C LEU C 197 0.31 -3.13 9.56
N ASP C 198 -0.10 -4.39 9.68
CA ASP C 198 0.02 -5.32 8.56
C ASP C 198 -0.86 -4.88 7.41
N ASP C 199 -2.07 -4.43 7.71
CA ASP C 199 -2.98 -3.93 6.67
C ASP C 199 -2.48 -2.63 6.05
N PHE C 200 -1.87 -1.76 6.86
CA PHE C 200 -1.32 -0.51 6.33
C PHE C 200 -0.27 -0.79 5.25
N GLN C 201 0.66 -1.71 5.53
CA GLN C 201 1.69 -2.01 4.54
C GLN C 201 1.12 -2.74 3.33
N ALA C 202 0.15 -3.63 3.54
CA ALA C 202 -0.48 -4.30 2.40
C ALA C 202 -1.15 -3.29 1.48
N LEU C 203 -1.86 -2.30 2.04
CA LEU C 203 -2.48 -1.28 1.20
C LEU C 203 -1.43 -0.44 0.49
N ASN C 204 -0.33 -0.12 1.16
CA ASN C 204 0.75 0.60 0.51
C ASN C 204 1.31 -0.24 -0.63
N ALA C 205 1.48 -1.53 -0.41
CA ALA C 205 1.95 -2.41 -1.46
C ALA C 205 0.97 -2.45 -2.63
N SER C 206 -0.33 -2.43 -2.33
CA SER C 206 -1.35 -2.41 -3.39
C SER C 206 -1.30 -1.11 -4.19
N LEU C 207 -1.08 0.03 -3.53
CA LEU C 207 -1.03 1.30 -4.24
C LEU C 207 0.18 1.36 -5.18
N VAL C 208 1.32 0.85 -4.71
CA VAL C 208 2.52 0.84 -5.54
C VAL C 208 2.30 -0.03 -6.77
N GLU C 209 1.62 -1.18 -6.61
CA GLU C 209 1.32 -2.03 -7.75
C GLU C 209 0.35 -1.37 -8.73
N GLU C 210 -0.57 -0.55 -8.23
CA GLU C 210 -1.49 0.21 -9.08
C GLU C 210 -0.91 1.53 -9.55
N GLY C 211 0.31 1.87 -9.13
CA GLY C 211 0.96 3.07 -9.61
C GLY C 211 0.63 4.34 -8.85
N LYS C 212 -0.15 4.26 -7.78
CA LYS C 212 -0.51 5.45 -7.04
C LYS C 212 0.53 5.70 -5.95
N ALA C 213 0.46 6.89 -5.37
CA ALA C 213 1.45 7.22 -4.36
C ALA C 213 1.11 6.55 -3.03
N PRO C 214 2.09 5.99 -2.34
CA PRO C 214 1.82 5.39 -1.02
C PRO C 214 1.64 6.45 0.05
N PHE C 215 0.96 6.04 1.13
CA PHE C 215 0.75 6.93 2.26
C PHE C 215 2.00 7.05 3.14
N ALA C 216 2.06 8.19 3.85
CA ALA C 216 3.20 8.47 4.72
C ALA C 216 3.28 7.45 5.86
N ASN C 217 2.14 7.19 6.50
CA ASN C 217 2.13 6.45 7.75
C ASN C 217 0.70 5.99 7.98
N PRO C 218 0.48 5.09 8.96
CA PRO C 218 -0.88 4.55 9.17
C PRO C 218 -1.94 5.60 9.47
N ARG C 219 -1.63 6.62 10.27
CA ARG C 219 -2.63 7.64 10.57
C ARG C 219 -3.17 8.26 9.30
N ASN C 220 -2.27 8.68 8.40
CA ASN C 220 -2.72 9.40 7.23
C ASN C 220 -3.32 8.47 6.20
N SER C 221 -2.83 7.23 6.13
CA SER C 221 -3.50 6.22 5.32
C SER C 221 -4.93 6.04 5.77
N ALA C 222 -5.14 5.94 7.09
CA ALA C 222 -6.49 5.77 7.64
C ALA C 222 -7.35 6.99 7.34
N ALA C 223 -6.81 8.18 7.62
CA ALA C 223 -7.58 9.41 7.39
C ALA C 223 -7.91 9.56 5.91
N GLY C 224 -6.93 9.33 5.04
CA GLY C 224 -7.20 9.42 3.61
C GLY C 224 -8.20 8.38 3.11
N SER C 225 -8.14 7.17 3.66
CA SER C 225 -9.08 6.13 3.26
C SER C 225 -10.50 6.45 3.72
N LEU C 226 -10.63 7.04 4.90
CA LEU C 226 -11.95 7.42 5.40
C LEU C 226 -12.53 8.58 4.61
N ARG C 227 -11.72 9.61 4.37
CA ARG C 227 -12.17 10.85 3.73
C ARG C 227 -12.05 10.71 2.21
N GLN C 228 -12.95 9.91 1.66
CA GLN C 228 -13.01 9.64 0.22
C GLN C 228 -14.33 10.15 -0.33
N LYS C 229 -14.25 10.96 -1.40
CA LYS C 229 -15.47 11.41 -2.06
C LYS C 229 -16.32 10.21 -2.49
N ASP C 230 -15.67 9.13 -2.92
CA ASP C 230 -16.33 7.90 -3.32
C ASP C 230 -16.27 6.87 -2.19
N PRO C 231 -17.39 6.53 -1.56
CA PRO C 231 -17.34 5.54 -0.46
C PRO C 231 -16.89 4.16 -0.91
N ALA C 232 -16.96 3.86 -2.20
CA ALA C 232 -16.47 2.56 -2.67
C ALA C 232 -14.99 2.39 -2.40
N VAL C 233 -14.23 3.48 -2.41
CA VAL C 233 -12.81 3.40 -2.08
C VAL C 233 -12.64 2.96 -0.63
N THR C 234 -13.34 3.62 0.30
CA THR C 234 -13.27 3.24 1.71
C THR C 234 -13.64 1.77 1.90
N ALA C 235 -14.65 1.31 1.17
CA ALA C 235 -15.18 -0.03 1.37
C ALA C 235 -14.15 -1.11 1.05
N ARG C 236 -13.23 -0.82 0.13
CA ARG C 236 -12.21 -1.78 -0.28
C ARG C 236 -11.04 -1.88 0.70
N ARG C 237 -10.99 -1.04 1.72
CA ARG C 237 -9.84 -0.99 2.61
C ARG C 237 -10.28 -1.37 4.01
N ARG C 238 -9.47 -2.20 4.68
CA ARG C 238 -9.87 -2.81 5.96
C ARG C 238 -9.61 -1.83 7.10
N LEU C 239 -10.37 -0.73 7.09
CA LEU C 239 -10.33 0.20 8.20
C LEU C 239 -10.98 -0.41 9.43
N ARG C 240 -10.37 -0.16 10.59
CA ARG C 240 -10.87 -0.59 11.90
C ARG C 240 -11.31 0.65 12.69
N MET C 241 -12.06 0.41 13.77
CA MET C 241 -12.47 1.49 14.66
CA MET C 241 -12.46 1.49 14.66
C MET C 241 -12.54 0.99 16.10
N ILE C 242 -12.24 1.89 17.03
CA ILE C 242 -12.37 1.63 18.47
C ILE C 242 -13.02 2.87 19.09
N CYS C 243 -14.11 2.66 19.82
CA CYS C 243 -14.80 3.77 20.50
C CYS C 243 -14.09 4.15 21.80
N HIS C 244 -13.99 5.47 22.04
CA HIS C 244 -13.28 5.90 23.25
C HIS C 244 -13.88 7.14 23.92
N GLY C 245 -15.13 7.48 23.67
CA GLY C 245 -15.73 8.64 24.32
C GLY C 245 -17.19 8.79 23.96
N LEU C 246 -17.89 9.61 24.75
CA LEU C 246 -19.30 9.90 24.53
C LEU C 246 -19.48 11.37 24.18
N GLY C 247 -20.36 11.63 23.21
CA GLY C 247 -20.80 12.98 22.99
C GLY C 247 -22.15 13.15 23.63
N HIS C 248 -23.07 13.75 22.91
CA HIS C 248 -24.43 13.95 23.41
C HIS C 248 -25.15 12.61 23.54
N VAL C 249 -25.86 12.42 24.65
CA VAL C 249 -26.66 11.22 24.84
C VAL C 249 -28.04 11.62 25.36
N GLU C 250 -29.07 10.89 24.94
CA GLU C 250 -30.42 11.05 25.46
C GLU C 250 -30.96 9.67 25.85
N GLY C 251 -31.39 9.52 27.10
CA GLY C 251 -31.89 8.24 27.56
C GLY C 251 -30.82 7.29 28.06
N PHE C 252 -29.71 7.82 28.56
CA PHE C 252 -28.61 7.00 29.05
C PHE C 252 -27.76 7.91 29.92
N ARG C 253 -27.61 7.58 31.19
CA ARG C 253 -26.95 8.46 32.16
C ARG C 253 -25.92 7.67 32.94
N PRO C 254 -24.82 7.29 32.30
CA PRO C 254 -23.79 6.52 33.00
C PRO C 254 -23.15 7.37 34.09
N ALA C 255 -22.84 6.74 35.20
CA ALA C 255 -22.12 7.46 36.26
C ALA C 255 -20.63 7.50 36.00
N THR C 256 -20.12 6.54 35.23
CA THR C 256 -18.68 6.43 35.01
C THR C 256 -18.42 6.03 33.57
N LEU C 257 -17.22 6.35 33.11
CA LEU C 257 -16.76 5.91 31.80
C LEU C 257 -16.71 4.38 31.71
N HIS C 258 -16.29 3.72 32.80
CA HIS C 258 -16.13 2.28 32.73
C HIS C 258 -17.49 1.58 32.63
N GLN C 259 -18.51 2.11 33.32
CA GLN C 259 -19.86 1.59 33.11
C GLN C 259 -20.34 1.92 31.71
N ALA C 260 -19.95 3.07 31.18
CA ALA C 260 -20.31 3.43 29.81
C ALA C 260 -19.74 2.43 28.80
N TYR C 261 -18.49 2.01 28.98
CA TYR C 261 -17.89 1.04 28.06
C TYR C 261 -18.57 -0.31 28.12
N LEU C 262 -19.07 -0.71 29.28
CA LEU C 262 -19.86 -1.94 29.35
C LEU C 262 -21.11 -1.80 28.50
N ALA C 263 -21.76 -0.64 28.54
CA ALA C 263 -22.93 -0.39 27.71
C ALA C 263 -22.56 -0.39 26.23
N LEU C 264 -21.48 0.31 25.87
CA LEU C 264 -21.03 0.31 24.48
C LEU C 264 -20.76 -1.13 24.01
N ARG C 265 -20.08 -1.92 24.84
CA ARG C 265 -19.81 -3.30 24.48
C ARG C 265 -21.11 -4.09 24.31
N ALA C 266 -22.06 -3.91 25.23
CA ALA C 266 -23.33 -4.62 25.14
C ALA C 266 -24.11 -4.25 23.88
N TRP C 267 -24.03 -3.00 23.44
CA TRP C 267 -24.73 -2.54 22.25
C TRP C 267 -24.06 -2.98 20.95
N GLY C 268 -22.91 -3.63 21.02
CA GLY C 268 -22.21 -4.09 19.84
C GLY C 268 -21.20 -3.11 19.26
N LEU C 269 -20.87 -2.02 19.99
CA LEU C 269 -19.85 -1.11 19.51
C LEU C 269 -18.44 -1.58 19.91
N PRO C 270 -17.42 -1.33 19.09
CA PRO C 270 -16.08 -1.86 19.38
C PRO C 270 -15.39 -1.08 20.49
N VAL C 271 -14.90 -1.80 21.49
CA VAL C 271 -14.17 -1.16 22.58
C VAL C 271 -12.82 -1.84 22.73
N SER C 272 -11.85 -1.10 23.24
CA SER C 272 -10.50 -1.64 23.43
C SER C 272 -10.48 -2.64 24.58
N GLU C 273 -9.75 -3.74 24.39
CA GLU C 273 -9.58 -4.71 25.48
C GLU C 273 -8.46 -4.32 26.44
N HIS C 274 -7.74 -3.24 26.16
CA HIS C 274 -6.57 -2.91 26.96
C HIS C 274 -6.85 -1.82 28.00
N THR C 275 -8.08 -1.35 28.08
CA THR C 275 -8.43 -0.30 29.03
C THR C 275 -8.44 -0.86 30.43
N THR C 276 -7.81 -0.14 31.37
CA THR C 276 -7.83 -0.54 32.77
C THR C 276 -8.24 0.65 33.63
N LEU C 277 -8.78 0.35 34.81
CA LEU C 277 -9.18 1.37 35.76
C LEU C 277 -8.15 1.38 36.88
N ALA C 278 -7.53 2.54 37.12
CA ALA C 278 -6.54 2.69 38.17
C ALA C 278 -7.13 3.46 39.34
N THR C 279 -6.68 3.11 40.55
CA THR C 279 -7.20 3.78 41.74
C THR C 279 -6.43 5.04 42.11
N ASP C 280 -5.20 5.20 41.65
CA ASP C 280 -4.42 6.36 42.05
C ASP C 280 -3.36 6.65 41.01
N LEU C 281 -2.63 7.75 41.20
CA LEU C 281 -1.55 8.12 40.30
C LEU C 281 -0.50 7.01 40.21
N ALA C 282 -0.24 6.33 41.33
CA ALA C 282 0.71 5.22 41.31
C ALA C 282 0.26 4.15 40.32
N GLY C 283 -1.02 3.79 40.35
CA GLY C 283 -1.54 2.87 39.35
C GLY C 283 -1.42 3.41 37.94
N VAL C 284 -1.70 4.71 37.76
CA VAL C 284 -1.61 5.31 36.42
C VAL C 284 -0.20 5.19 35.86
N ARG C 285 0.82 5.54 36.67
CA ARG C 285 2.19 5.46 36.18
C ARG C 285 2.58 4.02 35.85
N GLU C 286 2.05 3.06 36.60
CA GLU C 286 2.36 1.65 36.33
C GLU C 286 1.88 1.23 34.94
N ARG C 287 0.69 1.68 34.55
CA ARG C 287 0.19 1.36 33.22
CA ARG C 287 0.18 1.36 33.22
C ARG C 287 0.90 2.17 32.14
N ILE C 288 1.35 3.39 32.46
CA ILE C 288 2.09 4.17 31.48
C ILE C 288 3.46 3.53 31.22
N ASP C 289 4.17 3.16 32.29
CA ASP C 289 5.45 2.47 32.11
C ASP C 289 5.26 1.14 31.40
N TYR C 290 4.24 0.38 31.77
CA TYR C 290 4.00 -0.92 31.15
C TYR C 290 3.82 -0.78 29.64
N TRP C 291 2.96 0.14 29.20
CA TRP C 291 2.69 0.22 27.77
C TRP C 291 3.83 0.86 27.00
N GLY C 292 4.67 1.66 27.66
CA GLY C 292 5.89 2.11 27.03
C GLY C 292 6.75 0.95 26.55
N GLU C 293 6.76 -0.14 27.30
CA GLU C 293 7.55 -1.30 26.94
C GLU C 293 6.81 -2.26 26.02
N HIS C 294 5.48 -2.27 26.05
CA HIS C 294 4.71 -3.30 25.36
C HIS C 294 3.84 -2.77 24.22
N ARG C 295 3.90 -1.48 23.90
CA ARG C 295 3.04 -0.95 22.86
C ARG C 295 3.37 -1.54 21.49
N HIS C 296 4.61 -2.03 21.29
CA HIS C 296 4.95 -2.68 20.04
C HIS C 296 4.19 -3.99 19.84
N GLU C 297 3.59 -4.54 20.89
CA GLU C 297 2.85 -5.80 20.78
C GLU C 297 1.41 -5.61 20.33
N VAL C 298 0.90 -4.39 20.37
CA VAL C 298 -0.42 -4.08 19.83
C VAL C 298 -0.29 -3.96 18.32
N ASP C 299 -1.26 -4.49 17.58
CA ASP C 299 -1.11 -4.56 16.12
C ASP C 299 -1.46 -3.26 15.42
N HIS C 300 -1.74 -2.19 16.17
CA HIS C 300 -1.93 -0.87 15.58
C HIS C 300 -1.08 0.12 16.38
N GLU C 301 -0.89 1.30 15.80
CA GLU C 301 0.04 2.28 16.35
C GLU C 301 -0.54 2.97 17.59
N ILE C 302 0.25 2.98 18.66
CA ILE C 302 -0.12 3.64 19.90
C ILE C 302 0.87 4.79 20.09
N ASP C 303 0.37 6.02 20.20
CA ASP C 303 1.28 7.13 20.46
C ASP C 303 1.19 7.63 21.90
N GLY C 304 0.53 6.90 22.79
CA GLY C 304 0.50 7.30 24.18
C GLY C 304 -0.59 6.58 24.96
N VAL C 305 -0.84 7.11 26.15
CA VAL C 305 -1.89 6.60 27.03
C VAL C 305 -2.73 7.81 27.43
N VAL C 306 -4.04 7.69 27.28
CA VAL C 306 -4.97 8.71 27.75
C VAL C 306 -5.42 8.32 29.16
N VAL C 307 -5.24 9.23 30.10
CA VAL C 307 -5.70 9.06 31.47
C VAL C 307 -6.96 9.90 31.64
N LYS C 308 -8.04 9.29 32.11
CA LYS C 308 -9.33 9.96 32.19
C LYS C 308 -9.93 9.80 33.57
N VAL C 309 -10.39 10.90 34.16
CA VAL C 309 -11.22 10.81 35.35
C VAL C 309 -12.47 10.00 35.01
N ASP C 310 -12.70 8.94 35.78
CA ASP C 310 -13.74 7.96 35.46
C ASP C 310 -15.13 8.48 35.81
N GLU C 311 -15.28 9.16 36.94
CA GLU C 311 -16.58 9.63 37.41
C GLU C 311 -17.11 10.77 36.53
N VAL C 312 -18.27 10.57 35.92
CA VAL C 312 -18.82 11.59 35.03
C VAL C 312 -19.12 12.87 35.79
N ALA C 313 -19.61 12.73 37.03
CA ALA C 313 -19.90 13.92 37.83
C ALA C 313 -18.65 14.76 38.05
N LEU C 314 -17.49 14.11 38.19
CA LEU C 314 -16.27 14.88 38.40
C LEU C 314 -15.79 15.51 37.10
N GLN C 315 -15.98 14.84 35.96
CA GLN C 315 -15.65 15.44 34.67
C GLN C 315 -16.44 16.73 34.47
N ARG C 316 -17.72 16.69 34.82
CA ARG C 316 -18.57 17.86 34.63
C ARG C 316 -18.11 19.01 35.49
N ARG C 317 -17.64 18.71 36.70
CA ARG C 317 -17.09 19.74 37.58
C ARG C 317 -15.78 20.27 37.02
N LEU C 318 -14.95 19.38 36.46
CA LEU C 318 -13.65 19.80 35.91
C LEU C 318 -13.83 20.59 34.62
N GLY C 319 -14.73 20.15 33.75
CA GLY C 319 -15.07 20.90 32.58
C GLY C 319 -14.05 20.74 31.47
N SER C 320 -14.03 21.74 30.60
CA SER C 320 -13.22 21.70 29.39
C SER C 320 -12.83 23.11 28.99
N THR C 321 -11.69 23.23 28.29
CA THR C 321 -11.30 24.47 27.67
C THR C 321 -11.96 24.56 26.29
N SER C 322 -11.62 25.61 25.54
CA SER C 322 -12.12 25.71 24.17
C SER C 322 -11.67 24.55 23.29
N ARG C 323 -10.59 23.85 23.65
CA ARG C 323 -10.08 22.81 22.77
CA ARG C 323 -10.06 22.81 22.78
C ARG C 323 -9.82 21.46 23.45
N ALA C 324 -9.97 21.34 24.76
CA ALA C 324 -9.65 20.06 25.36
C ALA C 324 -10.40 19.89 26.69
N PRO C 325 -10.75 18.66 27.06
CA PRO C 325 -11.32 18.45 28.39
C PRO C 325 -10.27 18.69 29.44
N ARG C 326 -10.70 19.22 30.58
CA ARG C 326 -9.82 19.38 31.72
C ARG C 326 -9.74 18.11 32.58
N TRP C 327 -10.54 17.09 32.27
CA TRP C 327 -10.62 15.86 33.05
C TRP C 327 -9.84 14.69 32.44
N ALA C 328 -9.04 14.94 31.39
CA ALA C 328 -8.27 13.92 30.69
C ALA C 328 -6.92 14.50 30.31
N ILE C 329 -5.92 13.63 30.21
CA ILE C 329 -4.61 14.03 29.70
C ILE C 329 -4.01 12.85 28.94
N ALA C 330 -3.33 13.16 27.84
CA ALA C 330 -2.64 12.15 27.04
C ALA C 330 -1.16 12.15 27.42
N TYR C 331 -0.68 11.04 27.99
CA TYR C 331 0.75 10.90 28.17
C TYR C 331 1.33 10.39 26.86
N LYS C 332 2.28 11.12 26.29
CA LYS C 332 2.82 10.78 24.98
C LYS C 332 4.19 10.16 25.15
N TYR C 333 4.45 9.04 24.37
CA TYR C 333 5.76 8.43 24.50
C TYR C 333 6.76 9.07 23.54
N PRO C 334 8.04 9.15 23.95
CA PRO C 334 9.18 9.49 23.11
C PRO C 334 9.32 8.59 21.89
N THR D 17 -11.17 -57.28 59.09
CA THR D 17 -12.02 -58.40 58.70
C THR D 17 -12.49 -58.22 57.26
N ALA D 18 -12.00 -59.08 56.36
CA ALA D 18 -12.38 -58.97 54.96
C ALA D 18 -13.88 -58.90 54.71
N PRO D 19 -14.73 -59.71 55.36
CA PRO D 19 -16.18 -59.50 55.17
C PRO D 19 -16.60 -58.08 55.54
N GLU D 20 -16.25 -57.60 56.74
CA GLU D 20 -16.65 -56.27 57.17
C GLU D 20 -16.06 -55.19 56.27
N VAL D 21 -14.82 -55.39 55.82
CA VAL D 21 -14.15 -54.37 55.00
C VAL D 21 -14.81 -54.25 53.63
N LEU D 22 -15.16 -55.39 53.02
CA LEU D 22 -15.76 -55.37 51.69
C LEU D 22 -17.17 -54.77 51.72
N ARG D 23 -18.00 -55.19 52.68
CA ARG D 23 -19.33 -54.60 52.81
C ARG D 23 -19.24 -53.09 53.06
N GLN D 24 -18.26 -52.67 53.85
CA GLN D 24 -18.05 -51.24 54.06
C GLN D 24 -17.75 -50.52 52.74
N TRP D 25 -16.88 -51.09 51.91
CA TRP D 25 -16.60 -50.48 50.60
C TRP D 25 -17.86 -50.43 49.74
N GLN D 26 -18.62 -51.52 49.70
CA GLN D 26 -19.82 -51.59 48.87
C GLN D 26 -20.83 -50.54 49.28
N ALA D 27 -21.07 -50.40 50.59
CA ALA D 27 -22.00 -49.38 51.05
C ALA D 27 -21.51 -47.99 50.65
N LEU D 28 -20.22 -47.72 50.83
CA LEU D 28 -19.70 -46.39 50.54
C LEU D 28 -19.73 -46.09 49.05
N ALA D 29 -19.31 -47.05 48.21
CA ALA D 29 -19.34 -46.85 46.77
C ALA D 29 -20.76 -46.63 46.28
N GLU D 30 -21.71 -47.41 46.79
CA GLU D 30 -23.11 -47.28 46.42
C GLU D 30 -23.66 -45.91 46.82
N GLU D 31 -23.29 -45.44 48.02
CA GLU D 31 -23.72 -44.11 48.46
C GLU D 31 -23.14 -43.03 47.56
N VAL D 32 -21.84 -43.11 47.26
CA VAL D 32 -21.22 -42.17 46.34
C VAL D 32 -21.95 -42.15 45.01
N ARG D 33 -22.28 -43.33 44.48
CA ARG D 33 -22.93 -43.43 43.18
C ARG D 33 -24.33 -42.82 43.21
N GLU D 34 -25.07 -43.03 44.31
CA GLU D 34 -26.39 -42.41 44.44
C GLU D 34 -26.27 -40.90 44.32
N HIS D 35 -25.32 -40.29 45.02
CA HIS D 35 -25.22 -38.83 44.96
C HIS D 35 -24.71 -38.36 43.60
N GLN D 36 -23.86 -39.14 42.93
CA GLN D 36 -23.48 -38.77 41.57
C GLN D 36 -24.68 -38.79 40.63
N PHE D 37 -25.53 -39.81 40.78
CA PHE D 37 -26.77 -39.84 40.01
C PHE D 37 -27.64 -38.61 40.31
N ARG D 38 -27.86 -38.33 41.59
CA ARG D 38 -28.70 -37.19 41.94
C ARG D 38 -28.13 -35.89 41.38
N TYR D 39 -26.80 -35.77 41.38
CA TYR D 39 -26.14 -34.53 40.95
C TYR D 39 -26.09 -34.45 39.43
N TYR D 40 -25.50 -35.45 38.79
CA TYR D 40 -25.25 -35.33 37.34
C TYR D 40 -26.48 -35.61 36.51
N VAL D 41 -27.36 -36.50 36.96
CA VAL D 41 -28.50 -36.92 36.15
C VAL D 41 -29.74 -36.09 36.45
N ARG D 42 -30.03 -35.87 37.73
CA ARG D 42 -31.20 -35.10 38.13
C ARG D 42 -30.90 -33.66 38.48
N ASP D 43 -29.63 -33.26 38.53
CA ASP D 43 -29.26 -31.91 38.98
C ASP D 43 -30.02 -31.54 40.24
N ALA D 44 -30.18 -32.51 41.13
CA ALA D 44 -30.97 -32.35 42.35
C ALA D 44 -30.28 -33.12 43.46
N PRO D 45 -29.09 -32.68 43.87
CA PRO D 45 -28.41 -33.35 44.97
C PRO D 45 -29.21 -33.24 46.28
N ILE D 46 -28.86 -34.13 47.19
CA ILE D 46 -29.54 -34.21 48.48
C ILE D 46 -28.61 -33.93 49.64
N ILE D 47 -27.30 -33.81 49.38
CA ILE D 47 -26.30 -33.40 50.36
C ILE D 47 -25.45 -32.30 49.73
N SER D 48 -24.68 -31.60 50.58
CA SER D 48 -23.84 -30.51 50.10
C SER D 48 -22.62 -31.05 49.36
N ASP D 49 -22.01 -30.16 48.56
CA ASP D 49 -20.82 -30.56 47.82
C ASP D 49 -19.70 -30.99 48.76
N ALA D 50 -19.52 -30.28 49.88
CA ALA D 50 -18.47 -30.63 50.82
C ALA D 50 -18.72 -32.01 51.44
N GLU D 51 -19.98 -32.31 51.77
CA GLU D 51 -20.30 -33.63 52.31
C GLU D 51 -20.01 -34.72 51.30
N PHE D 52 -20.37 -34.49 50.03
CA PHE D 52 -20.03 -35.45 48.98
C PHE D 52 -18.52 -35.62 48.87
N ASP D 53 -17.78 -34.52 48.84
CA ASP D 53 -16.32 -34.60 48.70
C ASP D 53 -15.73 -35.44 49.82
N GLU D 54 -16.26 -35.29 51.04
CA GLU D 54 -15.77 -36.10 52.15
C GLU D 54 -16.10 -37.57 51.94
N LEU D 55 -17.31 -37.88 51.48
CA LEU D 55 -17.63 -39.26 51.13
C LEU D 55 -16.63 -39.80 50.10
N LEU D 56 -16.38 -39.04 49.04
CA LEU D 56 -15.46 -39.54 48.03
C LEU D 56 -14.05 -39.68 48.59
N ARG D 57 -13.62 -38.74 49.44
CA ARG D 57 -12.30 -38.87 50.05
C ARG D 57 -12.24 -40.07 50.98
N ARG D 58 -13.36 -40.42 51.62
CA ARG D 58 -13.36 -41.59 52.49
CA ARG D 58 -13.37 -41.60 52.48
C ARG D 58 -13.22 -42.86 51.66
N LEU D 59 -13.90 -42.94 50.52
CA LEU D 59 -13.80 -44.13 49.68
C LEU D 59 -12.35 -44.32 49.21
N GLU D 60 -11.72 -43.25 48.74
CA GLU D 60 -10.32 -43.32 48.31
C GLU D 60 -9.40 -43.75 49.45
N ALA D 61 -9.62 -43.24 50.66
CA ALA D 61 -8.78 -43.64 51.79
C ALA D 61 -8.94 -45.13 52.09
N LEU D 62 -10.16 -45.65 51.96
CA LEU D 62 -10.41 -47.06 52.18
C LEU D 62 -9.67 -47.91 51.15
N GLU D 63 -9.67 -47.48 49.90
CA GLU D 63 -8.99 -48.26 48.86
C GLU D 63 -7.48 -48.23 49.04
N GLU D 64 -6.94 -47.07 49.43
CA GLU D 64 -5.50 -47.01 49.68
C GLU D 64 -5.11 -47.88 50.86
N GLN D 65 -5.95 -47.94 51.89
CA GLN D 65 -5.64 -48.74 53.06
C GLN D 65 -5.74 -50.23 52.74
N HIS D 66 -6.67 -50.61 51.87
CA HIS D 66 -6.88 -52.01 51.47
C HIS D 66 -6.75 -52.14 49.96
N PRO D 67 -5.56 -52.42 49.44
CA PRO D 67 -5.39 -52.46 47.97
C PRO D 67 -6.29 -53.45 47.25
N GLU D 68 -6.74 -54.53 47.92
CA GLU D 68 -7.64 -55.47 47.26
C GLU D 68 -8.99 -54.83 46.90
N LEU D 69 -9.34 -53.68 47.49
CA LEU D 69 -10.59 -53.00 47.14
C LEU D 69 -10.48 -52.20 45.84
N ARG D 70 -9.27 -51.94 45.33
CA ARG D 70 -9.11 -51.18 44.08
C ARG D 70 -9.78 -51.91 42.94
N THR D 71 -10.80 -51.30 42.36
CA THR D 71 -11.50 -51.92 41.25
C THR D 71 -11.65 -50.90 40.14
N PRO D 72 -11.59 -51.32 38.87
CA PRO D 72 -11.41 -50.33 37.80
C PRO D 72 -12.57 -49.39 37.63
N ASP D 73 -13.79 -49.79 38.02
CA ASP D 73 -14.95 -48.92 37.89
C ASP D 73 -15.39 -48.30 39.21
N SER D 74 -14.50 -48.27 40.19
CA SER D 74 -14.79 -47.52 41.40
C SER D 74 -15.00 -46.04 41.08
N PRO D 75 -15.85 -45.35 41.83
CA PRO D 75 -15.97 -43.89 41.65
C PRO D 75 -14.64 -43.16 41.77
N THR D 76 -13.63 -43.74 42.43
CA THR D 76 -12.32 -43.12 42.54
C THR D 76 -11.55 -43.09 41.22
N GLN D 77 -11.99 -43.83 40.19
CA GLN D 77 -11.27 -43.88 38.93
C GLN D 77 -12.03 -43.28 37.75
N LEU D 78 -13.30 -42.94 37.91
CA LEU D 78 -14.11 -42.57 36.76
C LEU D 78 -14.52 -41.09 36.82
N VAL D 79 -14.90 -40.59 35.65
CA VAL D 79 -15.50 -39.27 35.54
C VAL D 79 -16.90 -39.32 36.14
N GLY D 80 -17.17 -38.44 37.10
CA GLY D 80 -18.49 -38.34 37.69
C GLY D 80 -19.58 -38.19 36.65
N GLY D 81 -20.57 -39.08 36.70
CA GLY D 81 -21.58 -39.22 35.68
C GLY D 81 -21.52 -40.54 34.93
N ALA D 82 -20.40 -41.25 35.04
CA ALA D 82 -20.26 -42.54 34.39
C ALA D 82 -21.27 -43.55 34.92
N GLY D 83 -21.72 -44.44 34.04
CA GLY D 83 -22.52 -45.58 34.44
C GLY D 83 -24.01 -45.33 34.52
N PHE D 84 -24.50 -44.16 34.12
CA PHE D 84 -25.92 -43.85 34.20
C PHE D 84 -26.51 -43.71 32.81
N ALA D 85 -27.79 -44.02 32.69
CA ALA D 85 -28.52 -43.76 31.45
C ALA D 85 -29.35 -42.51 31.64
N THR D 86 -29.56 -41.77 30.54
CA THR D 86 -30.43 -40.60 30.64
C THR D 86 -31.37 -40.55 29.45
N ASP D 87 -32.29 -39.59 29.51
CA ASP D 87 -33.33 -39.39 28.50
C ASP D 87 -32.84 -38.62 27.28
N PHE D 88 -31.62 -38.09 27.30
CA PHE D 88 -31.12 -37.35 26.16
C PHE D 88 -30.44 -38.30 25.17
N GLU D 89 -30.27 -37.81 23.95
CA GLU D 89 -29.54 -38.57 22.93
C GLU D 89 -28.06 -38.60 23.26
N PRO D 90 -27.42 -39.77 23.31
CA PRO D 90 -25.98 -39.83 23.55
C PRO D 90 -25.18 -39.41 22.33
N VAL D 91 -24.04 -38.78 22.57
CA VAL D 91 -23.11 -38.36 21.52
C VAL D 91 -21.69 -38.48 22.04
N ASP D 92 -20.83 -39.13 21.25
CA ASP D 92 -19.43 -39.28 21.62
C ASP D 92 -18.67 -37.97 21.47
N HIS D 93 -17.89 -37.62 22.48
CA HIS D 93 -16.94 -36.52 22.35
C HIS D 93 -15.86 -36.89 21.33
N LEU D 94 -15.19 -35.87 20.80
CA LEU D 94 -14.09 -36.13 19.87
C LEU D 94 -12.81 -36.46 20.61
N GLU D 95 -12.65 -35.94 21.83
CA GLU D 95 -11.55 -36.24 22.72
C GLU D 95 -12.12 -36.40 24.13
N ARG D 96 -11.48 -37.22 24.95
CA ARG D 96 -11.98 -37.47 26.29
C ARG D 96 -12.17 -36.16 27.05
N MET D 97 -13.24 -36.06 27.80
CA MET D 97 -13.57 -34.86 28.55
C MET D 97 -13.51 -35.22 30.02
N LEU D 98 -12.54 -34.65 30.75
CA LEU D 98 -12.16 -35.18 32.04
C LEU D 98 -12.65 -34.28 33.18
N SER D 99 -12.47 -34.76 34.40
CA SER D 99 -12.70 -33.98 35.60
C SER D 99 -11.39 -33.25 35.95
N LEU D 100 -11.25 -32.80 37.19
CA LEU D 100 -10.01 -32.22 37.68
C LEU D 100 -9.75 -32.79 39.06
N ASP D 101 -8.47 -33.02 39.38
CA ASP D 101 -8.12 -33.35 40.73
C ASP D 101 -8.10 -32.10 41.60
N ASN D 102 -8.14 -32.29 42.92
CA ASN D 102 -8.39 -31.19 43.84
C ASN D 102 -7.22 -30.98 44.78
N ALA D 103 -7.00 -29.71 45.15
CA ALA D 103 -6.19 -29.35 46.30
C ALA D 103 -7.04 -28.53 47.25
N PHE D 104 -7.13 -28.96 48.50
CA PHE D 104 -7.90 -28.26 49.50
C PHE D 104 -7.02 -27.54 50.51
N THR D 105 -5.71 -27.78 50.48
CA THR D 105 -4.78 -27.22 51.44
C THR D 105 -3.53 -26.73 50.72
N ALA D 106 -2.70 -25.98 51.47
CA ALA D 106 -1.41 -25.55 50.93
C ALA D 106 -0.51 -26.76 50.62
N ASP D 107 -0.57 -27.80 51.46
CA ASP D 107 0.28 -28.96 51.23
C ASP D 107 -0.12 -29.69 49.95
N GLU D 108 -1.43 -29.83 49.69
CA GLU D 108 -1.85 -30.53 48.49
C GLU D 108 -1.48 -29.74 47.24
N LEU D 109 -1.57 -28.42 47.31
CA LEU D 109 -1.16 -27.59 46.19
C LEU D 109 0.34 -27.68 45.96
N ALA D 110 1.14 -27.58 47.04
CA ALA D 110 2.58 -27.61 46.89
C ALA D 110 3.08 -28.98 46.42
N ALA D 111 2.42 -30.06 46.85
CA ALA D 111 2.78 -31.38 46.35
C ALA D 111 2.53 -31.50 44.85
N TRP D 112 1.43 -30.92 44.36
CA TRP D 112 1.19 -30.95 42.93
C TRP D 112 2.24 -30.16 42.17
N ALA D 113 2.48 -28.91 42.60
CA ALA D 113 3.45 -28.06 41.92
C ALA D 113 4.85 -28.67 41.99
N GLY D 114 5.20 -29.27 43.13
CA GLY D 114 6.47 -29.97 43.22
C GLY D 114 6.55 -31.13 42.25
N ARG D 115 5.44 -31.85 42.09
CA ARG D 115 5.40 -32.98 41.15
C ARG D 115 5.52 -32.51 39.71
N ILE D 116 4.87 -31.39 39.36
CA ILE D 116 5.09 -30.79 38.05
C ILE D 116 6.55 -30.49 37.85
N HIS D 117 7.15 -29.78 38.80
CA HIS D 117 8.55 -29.42 38.70
C HIS D 117 9.43 -30.64 38.56
N ALA D 118 9.08 -31.73 39.24
CA ALA D 118 9.91 -32.92 39.18
C ALA D 118 9.93 -33.52 37.79
N GLU D 119 8.85 -33.38 37.03
CA GLU D 119 8.78 -34.00 35.70
C GLU D 119 9.17 -33.05 34.56
N VAL D 120 8.81 -31.77 34.61
CA VAL D 120 9.09 -30.88 33.49
C VAL D 120 9.95 -29.69 33.88
N GLY D 121 10.31 -29.54 35.16
CA GLY D 121 11.28 -28.53 35.49
C GLY D 121 10.70 -27.13 35.56
N ASP D 122 11.60 -26.15 35.47
CA ASP D 122 11.26 -24.74 35.53
C ASP D 122 10.61 -24.24 34.26
N ALA D 123 10.55 -25.07 33.22
CA ALA D 123 10.03 -24.64 31.93
C ALA D 123 8.54 -24.37 31.98
N ALA D 124 7.82 -24.99 32.92
CA ALA D 124 6.38 -24.79 33.02
C ALA D 124 6.08 -23.39 33.53
N HIS D 125 5.13 -22.72 32.88
CA HIS D 125 4.44 -21.56 33.44
C HIS D 125 3.05 -22.02 33.83
N TYR D 126 2.40 -21.26 34.72
CA TYR D 126 1.14 -21.72 35.30
C TYR D 126 0.05 -20.71 35.02
N LEU D 127 -0.92 -21.11 34.21
CA LEU D 127 -2.11 -20.31 33.97
C LEU D 127 -3.09 -20.49 35.12
N CYS D 128 -3.58 -19.37 35.66
CA CYS D 128 -4.49 -19.39 36.79
C CYS D 128 -5.84 -18.85 36.35
N GLU D 129 -6.87 -19.69 36.39
CA GLU D 129 -8.20 -19.32 35.97
C GLU D 129 -9.14 -19.44 37.17
N LEU D 130 -10.18 -18.61 37.19
CA LEU D 130 -11.25 -18.81 38.15
C LEU D 130 -12.00 -20.08 37.81
N LYS D 131 -12.28 -20.89 38.83
CA LYS D 131 -13.06 -22.11 38.67
C LYS D 131 -14.53 -21.76 38.86
N ILE D 132 -15.30 -21.80 37.78
CA ILE D 132 -16.71 -21.42 37.80
C ILE D 132 -17.53 -22.60 38.29
N ASP D 133 -18.46 -22.35 39.22
CA ASP D 133 -19.28 -23.43 39.78
C ASP D 133 -20.56 -23.57 38.95
N GLY D 134 -20.38 -24.10 37.74
CA GLY D 134 -21.46 -24.28 36.80
C GLY D 134 -21.53 -25.71 36.29
N VAL D 135 -22.00 -25.85 35.05
CA VAL D 135 -22.13 -27.15 34.41
C VAL D 135 -21.23 -27.19 33.18
N ALA D 136 -20.54 -28.31 32.99
CA ALA D 136 -19.59 -28.43 31.89
C ALA D 136 -20.33 -28.58 30.56
N LEU D 137 -19.76 -27.96 29.53
CA LEU D 137 -20.32 -28.03 28.19
C LEU D 137 -19.19 -28.14 27.19
N SER D 138 -19.38 -28.98 26.18
CA SER D 138 -18.43 -29.17 25.10
C SER D 138 -19.10 -28.77 23.80
N LEU D 139 -18.46 -27.89 23.03
CA LEU D 139 -18.98 -27.42 21.75
C LEU D 139 -18.07 -27.90 20.63
N VAL D 140 -18.68 -28.36 19.52
CA VAL D 140 -17.94 -28.76 18.33
C VAL D 140 -18.27 -27.81 17.18
N TYR D 141 -17.25 -27.12 16.67
CA TYR D 141 -17.38 -26.30 15.46
C TYR D 141 -16.66 -26.99 14.31
N ARG D 142 -17.39 -27.18 13.21
CA ARG D 142 -16.84 -27.74 11.98
C ARG D 142 -16.82 -26.67 10.91
N GLU D 143 -15.61 -26.32 10.46
CA GLU D 143 -15.41 -25.20 9.54
C GLU D 143 -16.18 -23.96 10.01
N GLY D 144 -16.16 -23.74 11.32
CA GLY D 144 -16.69 -22.52 11.88
C GLY D 144 -18.15 -22.55 12.24
N ARG D 145 -18.86 -23.61 11.92
CA ARG D 145 -20.28 -23.68 12.26
C ARG D 145 -20.43 -24.61 13.46
N LEU D 146 -21.18 -24.17 14.46
CA LEU D 146 -21.47 -25.00 15.61
C LEU D 146 -22.36 -26.14 15.13
N THR D 147 -21.88 -27.37 15.30
CA THR D 147 -22.64 -28.53 14.86
C THR D 147 -23.12 -29.44 16.00
N ARG D 148 -22.54 -29.33 17.18
CA ARG D 148 -22.96 -30.16 18.30
C ARG D 148 -22.55 -29.49 19.60
N ALA D 149 -23.40 -29.60 20.62
CA ALA D 149 -23.01 -29.27 22.00
C ALA D 149 -23.47 -30.41 22.89
N SER D 150 -22.64 -30.76 23.87
CA SER D 150 -22.98 -31.90 24.69
C SER D 150 -22.47 -31.72 26.11
N THR D 151 -23.16 -32.36 27.04
CA THR D 151 -22.69 -32.40 28.42
C THR D 151 -21.52 -33.38 28.54
N ARG D 152 -20.86 -33.35 29.70
CA ARG D 152 -19.70 -34.22 29.90
C ARG D 152 -20.07 -35.70 29.85
N GLY D 153 -21.18 -36.07 30.48
CA GLY D 153 -21.51 -37.49 30.51
C GLY D 153 -20.45 -38.27 31.26
N ASP D 154 -20.03 -39.40 30.69
CA ASP D 154 -19.07 -40.26 31.37
C ASP D 154 -17.64 -39.97 30.97
N GLY D 155 -17.39 -38.87 30.25
CA GLY D 155 -16.08 -38.55 29.77
C GLY D 155 -15.80 -39.01 28.37
N ARG D 156 -16.44 -40.08 27.92
CA ARG D 156 -16.35 -40.52 26.53
C ARG D 156 -17.57 -40.10 25.74
N THR D 157 -18.75 -40.25 26.33
CA THR D 157 -20.03 -40.00 25.68
C THR D 157 -20.84 -39.03 26.52
N GLY D 158 -21.34 -37.96 25.89
CA GLY D 158 -22.14 -36.97 26.56
C GLY D 158 -23.59 -36.98 26.12
N GLU D 159 -24.33 -35.98 26.60
CA GLU D 159 -25.74 -35.81 26.29
C GLU D 159 -25.92 -34.67 25.30
N ASP D 160 -26.71 -34.91 24.26
CA ASP D 160 -26.92 -33.91 23.22
C ASP D 160 -27.79 -32.78 23.75
N VAL D 161 -27.21 -31.59 23.89
CA VAL D 161 -27.95 -30.39 24.27
C VAL D 161 -27.67 -29.28 23.25
N THR D 162 -27.51 -29.64 21.98
CA THR D 162 -27.14 -28.65 20.96
C THR D 162 -28.18 -27.54 20.85
N LEU D 163 -29.46 -27.90 20.74
CA LEU D 163 -30.50 -26.88 20.63
C LEU D 163 -30.53 -25.99 21.87
N ASN D 164 -30.28 -26.57 23.04
CA ASN D 164 -30.23 -25.77 24.26
C ASN D 164 -29.06 -24.79 24.21
N ALA D 165 -27.89 -25.27 23.80
CA ALA D 165 -26.72 -24.41 23.75
C ALA D 165 -26.88 -23.29 22.74
N ARG D 166 -27.63 -23.52 21.66
CA ARG D 166 -27.84 -22.47 20.67
C ARG D 166 -28.61 -21.29 21.25
N THR D 167 -29.39 -21.51 22.30
CA THR D 167 -30.13 -20.41 22.90
C THR D 167 -29.25 -19.53 23.78
N ILE D 168 -28.05 -19.98 24.10
CA ILE D 168 -27.15 -19.18 24.94
C ILE D 168 -26.49 -18.11 24.09
N ALA D 169 -26.70 -16.85 24.46
CA ALA D 169 -26.21 -15.72 23.66
C ALA D 169 -24.68 -15.73 23.58
N ASP D 170 -24.00 -16.14 24.65
CA ASP D 170 -22.53 -16.21 24.67
C ASP D 170 -22.00 -17.26 23.69
N VAL D 171 -22.85 -18.18 23.24
CA VAL D 171 -22.43 -19.27 22.37
C VAL D 171 -22.67 -18.82 20.92
N PRO D 172 -21.63 -18.54 20.14
CA PRO D 172 -21.86 -18.13 18.75
C PRO D 172 -22.16 -19.32 17.84
N GLU D 173 -23.08 -19.10 16.91
CA GLU D 173 -23.41 -20.13 15.92
C GLU D 173 -22.30 -20.31 14.89
N ARG D 174 -21.57 -19.24 14.56
CA ARG D 174 -20.48 -19.29 13.61
C ARG D 174 -19.27 -18.57 14.19
N LEU D 175 -18.08 -19.11 13.93
CA LEU D 175 -16.85 -18.47 14.40
C LEU D 175 -16.45 -17.35 13.45
N THR D 176 -15.93 -16.26 14.01
CA THR D 176 -15.51 -15.12 13.18
C THR D 176 -14.07 -15.32 12.74
N PRO D 177 -13.78 -15.32 11.44
CA PRO D 177 -12.39 -15.49 11.00
C PRO D 177 -11.49 -14.41 11.57
N GLY D 178 -10.29 -14.82 12.00
CA GLY D 178 -9.27 -13.89 12.43
C GLY D 178 -8.13 -13.85 11.43
N ASP D 179 -7.46 -12.70 11.35
CA ASP D 179 -6.29 -12.59 10.48
C ASP D 179 -5.12 -13.39 11.03
N ASP D 180 -4.90 -13.33 12.34
CA ASP D 180 -3.82 -14.10 12.96
C ASP D 180 -4.22 -15.54 13.25
N TYR D 181 -5.52 -15.83 13.31
CA TYR D 181 -6.02 -17.15 13.68
C TYR D 181 -7.08 -17.56 12.68
N PRO D 182 -6.70 -18.28 11.63
CA PRO D 182 -7.72 -18.84 10.73
C PRO D 182 -8.61 -19.83 11.47
N VAL D 183 -9.84 -19.94 10.98
CA VAL D 183 -10.81 -20.83 11.64
C VAL D 183 -10.37 -22.28 11.47
N PRO D 184 -10.36 -23.08 12.51
CA PRO D 184 -9.96 -24.48 12.33
C PRO D 184 -11.02 -25.25 11.56
N GLU D 185 -10.58 -26.27 10.83
CA GLU D 185 -11.51 -27.23 10.25
C GLU D 185 -12.38 -27.88 11.33
N VAL D 186 -11.80 -28.22 12.48
CA VAL D 186 -12.56 -28.77 13.59
C VAL D 186 -12.07 -28.14 14.89
N LEU D 187 -13.00 -27.64 15.70
CA LEU D 187 -12.67 -27.11 17.02
C LEU D 187 -13.66 -27.68 18.03
N GLU D 188 -13.16 -28.49 18.96
CA GLU D 188 -13.94 -28.94 20.11
C GLU D 188 -13.47 -28.10 21.29
N VAL D 189 -14.35 -27.26 21.81
CA VAL D 189 -13.97 -26.37 22.88
C VAL D 189 -14.88 -26.64 24.06
N ARG D 190 -14.30 -26.64 25.26
CA ARG D 190 -14.99 -26.93 26.50
C ARG D 190 -15.12 -25.66 27.33
N GLY D 191 -16.20 -25.60 28.11
CA GLY D 191 -16.42 -24.42 28.94
C GLY D 191 -17.46 -24.70 29.99
N GLU D 192 -17.78 -23.65 30.74
CA GLU D 192 -18.70 -23.73 31.87
C GLU D 192 -19.91 -22.87 31.60
N VAL D 193 -21.09 -23.43 31.81
CA VAL D 193 -22.35 -22.72 31.70
C VAL D 193 -22.83 -22.37 33.11
N PHE D 194 -23.31 -21.14 33.28
CA PHE D 194 -23.61 -20.65 34.61
C PHE D 194 -24.59 -19.50 34.52
N PHE D 195 -25.12 -19.11 35.67
CA PHE D 195 -25.91 -17.89 35.81
C PHE D 195 -25.08 -16.85 36.57
N ARG D 196 -25.28 -15.58 36.25
CA ARG D 196 -24.88 -14.55 37.19
CA ARG D 196 -24.88 -14.54 37.19
C ARG D 196 -25.75 -14.64 38.42
N LEU D 197 -25.19 -14.23 39.56
CA LEU D 197 -25.90 -14.42 40.83
C LEU D 197 -27.23 -13.69 40.85
N ASP D 198 -27.30 -12.50 40.25
CA ASP D 198 -28.57 -11.79 40.20
C ASP D 198 -29.61 -12.56 39.40
N ASP D 199 -29.20 -13.15 38.28
CA ASP D 199 -30.12 -13.94 37.46
C ASP D 199 -30.52 -15.24 38.16
N PHE D 200 -29.59 -15.86 38.89
CA PHE D 200 -29.94 -17.06 39.65
C PHE D 200 -31.00 -16.74 40.69
N GLN D 201 -30.84 -15.63 41.41
CA GLN D 201 -31.82 -15.27 42.42
C GLN D 201 -33.17 -14.94 41.78
N ALA D 202 -33.14 -14.26 40.64
CA ALA D 202 -34.38 -13.93 39.93
C ALA D 202 -35.11 -15.18 39.47
N LEU D 203 -34.38 -16.16 38.93
CA LEU D 203 -35.04 -17.38 38.49
C LEU D 203 -35.66 -18.14 39.65
N ASN D 204 -34.95 -18.20 40.80
CA ASN D 204 -35.51 -18.86 41.97
C ASN D 204 -36.79 -18.16 42.41
N ALA D 205 -36.78 -16.82 42.46
CA ALA D 205 -37.98 -16.10 42.84
C ALA D 205 -39.08 -16.31 41.81
N SER D 206 -38.73 -16.38 40.53
CA SER D 206 -39.74 -16.65 39.50
C SER D 206 -40.35 -18.03 39.70
N LEU D 207 -39.52 -19.02 40.06
CA LEU D 207 -40.04 -20.37 40.27
C LEU D 207 -40.94 -20.44 41.51
N VAL D 208 -40.53 -19.80 42.60
CA VAL D 208 -41.35 -19.84 43.82
C VAL D 208 -42.68 -19.12 43.61
N GLU D 209 -42.66 -17.97 42.93
CA GLU D 209 -43.90 -17.25 42.68
C GLU D 209 -44.83 -18.04 41.77
N GLU D 210 -44.28 -18.88 40.90
CA GLU D 210 -45.05 -19.77 40.04
C GLU D 210 -45.38 -21.09 40.72
N GLY D 211 -44.96 -21.28 41.97
CA GLY D 211 -45.27 -22.45 42.76
C GLY D 211 -44.35 -23.64 42.62
N LYS D 212 -43.27 -23.53 41.85
CA LYS D 212 -42.32 -24.63 41.69
C LYS D 212 -41.19 -24.55 42.71
N ALA D 213 -40.44 -25.65 42.82
CA ALA D 213 -39.34 -25.64 43.78
C ALA D 213 -38.13 -24.92 43.18
N PRO D 214 -37.45 -24.08 43.96
CA PRO D 214 -36.26 -23.42 43.46
C PRO D 214 -35.06 -24.37 43.44
N PHE D 215 -34.05 -23.98 42.68
CA PHE D 215 -32.84 -24.78 42.63
C PHE D 215 -32.03 -24.62 43.90
N ALA D 216 -31.23 -25.64 44.20
CA ALA D 216 -30.42 -25.63 45.42
C ALA D 216 -29.42 -24.49 45.41
N ASN D 217 -28.79 -24.26 44.27
CA ASN D 217 -27.65 -23.35 44.19
C ASN D 217 -27.43 -23.02 42.73
N PRO D 218 -26.53 -22.07 42.42
CA PRO D 218 -26.33 -21.71 41.01
C PRO D 218 -25.91 -22.87 40.12
N ARG D 219 -25.06 -23.78 40.60
CA ARG D 219 -24.65 -24.90 39.75
C ARG D 219 -25.86 -25.69 39.26
N ASN D 220 -26.72 -26.10 40.19
CA ASN D 220 -27.82 -26.96 39.79
C ASN D 220 -28.86 -26.17 39.02
N SER D 221 -29.00 -24.88 39.33
CA SER D 221 -29.82 -24.02 38.50
C SER D 221 -29.31 -24.00 37.07
N ALA D 222 -28.00 -23.84 36.91
CA ALA D 222 -27.40 -23.81 35.57
C ALA D 222 -27.56 -25.16 34.87
N ALA D 223 -27.19 -26.24 35.56
CA ALA D 223 -27.25 -27.57 34.95
C ALA D 223 -28.67 -27.96 34.60
N GLY D 224 -29.62 -27.73 35.52
CA GLY D 224 -31.00 -28.07 35.24
C GLY D 224 -31.59 -27.24 34.11
N SER D 225 -31.22 -25.96 34.03
CA SER D 225 -31.71 -25.13 32.92
C SER D 225 -31.10 -25.58 31.60
N LEU D 226 -29.84 -26.02 31.61
CA LEU D 226 -29.25 -26.47 30.36
C LEU D 226 -29.85 -27.80 29.90
N ARG D 227 -29.99 -28.75 30.83
CA ARG D 227 -30.42 -30.10 30.49
C ARG D 227 -31.95 -30.19 30.54
N GLN D 228 -32.55 -29.57 29.54
CA GLN D 228 -34.00 -29.53 29.40
C GLN D 228 -34.38 -30.21 28.09
N LYS D 229 -35.29 -31.19 28.16
CA LYS D 229 -35.83 -31.78 26.94
C LYS D 229 -36.45 -30.73 26.04
N ASP D 230 -37.06 -29.70 26.61
CA ASP D 230 -37.64 -28.63 25.80
C ASP D 230 -36.67 -27.47 25.76
N PRO D 231 -35.98 -27.23 24.64
CA PRO D 231 -35.01 -26.12 24.59
C PRO D 231 -35.64 -24.76 24.74
N ALA D 232 -36.96 -24.64 24.55
CA ALA D 232 -37.64 -23.36 24.80
C ALA D 232 -37.51 -22.95 26.26
N VAL D 233 -37.46 -23.92 27.18
CA VAL D 233 -37.22 -23.60 28.59
C VAL D 233 -35.85 -22.97 28.75
N THR D 234 -34.82 -23.60 28.16
CA THR D 234 -33.46 -23.07 28.25
C THR D 234 -33.40 -21.66 27.70
N ALA D 235 -34.14 -21.38 26.61
CA ALA D 235 -34.08 -20.07 25.98
C ALA D 235 -34.61 -18.96 26.88
N ARG D 236 -35.57 -19.28 27.76
CA ARG D 236 -36.14 -18.26 28.65
C ARG D 236 -35.21 -17.84 29.78
N ARG D 237 -34.06 -18.49 29.94
CA ARG D 237 -33.19 -18.28 31.09
C ARG D 237 -31.84 -17.73 30.62
N ARG D 238 -31.34 -16.73 31.33
CA ARG D 238 -30.16 -15.97 30.88
C ARG D 238 -28.87 -16.71 31.27
N LEU D 239 -28.70 -17.88 30.68
CA LEU D 239 -27.48 -18.66 30.86
C LEU D 239 -26.29 -17.96 30.21
N ARG D 240 -25.14 -18.02 30.88
CA ARG D 240 -23.88 -17.50 30.38
C ARG D 240 -22.94 -18.66 30.10
N MET D 241 -21.82 -18.40 29.43
CA MET D 241 -20.81 -19.43 29.25
CA MET D 241 -20.81 -19.43 29.20
C MET D 241 -19.43 -18.79 29.13
N ILE D 242 -18.44 -19.49 29.71
CA ILE D 242 -17.03 -19.13 29.61
C ILE D 242 -16.27 -20.36 29.11
N CYS D 243 -15.48 -20.20 28.04
CA CYS D 243 -14.66 -21.31 27.53
C CYS D 243 -13.37 -21.45 28.34
N HIS D 244 -13.00 -22.70 28.66
CA HIS D 244 -11.81 -22.88 29.49
C HIS D 244 -10.96 -24.09 29.13
N GLY D 245 -11.09 -24.63 27.92
CA GLY D 245 -10.29 -25.79 27.56
C GLY D 245 -10.52 -26.21 26.14
N LEU D 246 -9.59 -27.02 25.64
CA LEU D 246 -9.66 -27.53 24.28
C LEU D 246 -9.83 -29.04 24.28
N GLY D 247 -10.72 -29.51 23.42
CA GLY D 247 -10.75 -30.93 23.13
C GLY D 247 -10.00 -31.16 21.84
N HIS D 248 -10.57 -31.94 20.93
CA HIS D 248 -9.96 -32.22 19.64
C HIS D 248 -9.93 -30.97 18.76
N VAL D 249 -8.80 -30.73 18.09
CA VAL D 249 -8.70 -29.64 17.13
C VAL D 249 -8.03 -30.14 15.87
N GLU D 250 -8.51 -29.65 14.72
CA GLU D 250 -7.90 -29.88 13.43
C GLU D 250 -7.73 -28.52 12.77
N GLY D 251 -6.51 -28.19 12.37
CA GLY D 251 -6.23 -26.91 11.75
C GLY D 251 -5.88 -25.81 12.72
N PHE D 252 -5.34 -26.15 13.89
CA PHE D 252 -4.97 -25.15 14.91
C PHE D 252 -4.04 -25.83 15.90
N ARG D 253 -2.84 -25.27 16.08
CA ARG D 253 -1.81 -25.90 16.89
C ARG D 253 -1.19 -24.92 17.88
N PRO D 254 -1.92 -24.54 18.91
CA PRO D 254 -1.36 -23.58 19.88
C PRO D 254 -0.23 -24.18 20.69
N ALA D 255 0.81 -23.38 20.95
CA ALA D 255 1.89 -23.82 21.82
C ALA D 255 1.57 -23.64 23.29
N THR D 256 0.64 -22.74 23.62
CA THR D 256 0.30 -22.47 25.01
C THR D 256 -1.20 -22.26 25.14
N LEU D 257 -1.70 -22.48 26.35
CA LEU D 257 -3.09 -22.17 26.64
C LEU D 257 -3.39 -20.69 26.47
N HIS D 258 -2.48 -19.82 26.90
CA HIS D 258 -2.76 -18.39 26.82
C HIS D 258 -2.81 -17.95 25.37
N GLN D 259 -1.96 -18.54 24.51
CA GLN D 259 -2.09 -18.29 23.08
C GLN D 259 -3.39 -18.86 22.55
N ALA D 260 -3.81 -20.01 23.09
CA ALA D 260 -5.10 -20.57 22.69
C ALA D 260 -6.25 -19.63 23.04
N TYR D 261 -6.20 -19.00 24.21
CA TYR D 261 -7.28 -18.08 24.59
C TYR D 261 -7.33 -16.86 23.67
N LEU D 262 -6.20 -16.40 23.15
CA LEU D 262 -6.23 -15.31 22.19
C LEU D 262 -7.01 -15.70 20.94
N ALA D 263 -6.81 -16.95 20.47
CA ALA D 263 -7.52 -17.43 19.30
C ALA D 263 -9.02 -17.54 19.56
N LEU D 264 -9.39 -18.14 20.70
CA LEU D 264 -10.81 -18.28 21.01
C LEU D 264 -11.50 -16.93 21.03
N ARG D 265 -10.87 -15.95 21.66
CA ARG D 265 -11.42 -14.60 21.74
C ARG D 265 -11.57 -14.00 20.36
N ALA D 266 -10.52 -14.07 19.54
CA ALA D 266 -10.61 -13.56 18.16
C ALA D 266 -11.72 -14.28 17.39
N TRP D 267 -11.94 -15.56 17.67
CA TRP D 267 -13.01 -16.26 17.00
C TRP D 267 -14.39 -15.90 17.53
N GLY D 268 -14.47 -15.06 18.57
CA GLY D 268 -15.76 -14.66 19.13
C GLY D 268 -16.26 -15.56 20.23
N LEU D 269 -15.43 -16.44 20.75
CA LEU D 269 -15.87 -17.27 21.85
C LEU D 269 -15.66 -16.55 23.18
N PRO D 270 -16.52 -16.81 24.17
CA PRO D 270 -16.41 -16.08 25.44
C PRO D 270 -15.25 -16.63 26.26
N VAL D 271 -14.37 -15.74 26.72
CA VAL D 271 -13.26 -16.12 27.58
C VAL D 271 -13.26 -15.26 28.83
N SER D 272 -12.71 -15.78 29.91
CA SER D 272 -12.69 -15.03 31.16
C SER D 272 -11.71 -13.88 31.08
N GLU D 273 -12.10 -12.74 31.63
CA GLU D 273 -11.17 -11.62 31.72
C GLU D 273 -10.27 -11.71 32.93
N HIS D 274 -10.44 -12.70 33.80
CA HIS D 274 -9.72 -12.77 35.06
C HIS D 274 -8.53 -13.72 35.03
N THR D 275 -8.25 -14.34 33.90
CA THR D 275 -7.15 -15.29 33.82
C THR D 275 -5.81 -14.57 33.84
N THR D 276 -4.83 -15.13 34.56
CA THR D 276 -3.49 -14.59 34.58
C THR D 276 -2.47 -15.72 34.48
N LEU D 277 -1.29 -15.38 33.99
CA LEU D 277 -0.19 -16.30 33.82
C LEU D 277 0.84 -16.06 34.91
N ALA D 278 1.17 -17.10 35.66
CA ALA D 278 2.17 -17.05 36.71
C ALA D 278 3.44 -17.75 36.25
N THR D 279 4.58 -17.26 36.74
CA THR D 279 5.86 -17.84 36.38
C THR D 279 6.27 -19.00 37.29
N ASP D 280 5.76 -19.04 38.53
CA ASP D 280 6.18 -20.06 39.48
C ASP D 280 5.08 -20.24 40.53
N LEU D 281 5.32 -21.17 41.46
CA LEU D 281 4.36 -21.41 42.53
C LEU D 281 4.09 -20.13 43.32
N ALA D 282 5.13 -19.31 43.54
CA ALA D 282 4.95 -18.06 44.25
C ALA D 282 3.93 -17.17 43.54
N GLY D 283 4.02 -17.08 42.21
CA GLY D 283 3.01 -16.35 41.47
C GLY D 283 1.63 -16.96 41.62
N VAL D 284 1.55 -18.29 41.58
CA VAL D 284 0.26 -18.96 41.74
C VAL D 284 -0.34 -18.66 43.10
N ARG D 285 0.47 -18.80 44.16
CA ARG D 285 -0.04 -18.58 45.50
C ARG D 285 -0.53 -17.14 45.67
N GLU D 286 0.16 -16.19 45.03
CA GLU D 286 -0.27 -14.80 45.11
C GLU D 286 -1.64 -14.58 44.48
N ARG D 287 -1.96 -15.34 43.43
CA ARG D 287 -3.26 -15.18 42.80
C ARG D 287 -4.35 -15.92 43.57
N ILE D 288 -4.03 -17.10 44.12
CA ILE D 288 -5.01 -17.83 44.93
C ILE D 288 -5.36 -17.02 46.18
N ASP D 289 -4.36 -16.44 46.84
CA ASP D 289 -4.64 -15.55 47.96
C ASP D 289 -5.45 -14.35 47.51
N TYR D 290 -5.11 -13.77 46.35
CA TYR D 290 -5.86 -12.62 45.85
C TYR D 290 -7.32 -12.95 45.67
N TRP D 291 -7.61 -14.07 45.01
CA TRP D 291 -9.00 -14.40 44.73
C TRP D 291 -9.73 -14.93 45.94
N GLY D 292 -9.03 -15.46 46.94
CA GLY D 292 -9.69 -15.77 48.20
C GLY D 292 -10.37 -14.56 48.82
N GLU D 293 -9.75 -13.38 48.70
CA GLU D 293 -10.32 -12.16 49.27
C GLU D 293 -11.27 -11.45 48.33
N HIS D 294 -11.14 -11.64 47.01
CA HIS D 294 -11.91 -10.84 46.05
C HIS D 294 -12.91 -11.65 45.23
N ARG D 295 -13.04 -12.95 45.47
CA ARG D 295 -13.94 -13.74 44.62
C ARG D 295 -15.39 -13.36 44.81
N HIS D 296 -15.75 -12.82 45.98
CA HIS D 296 -17.11 -12.33 46.17
C HIS D 296 -17.43 -11.15 45.26
N GLU D 297 -16.42 -10.52 44.65
CA GLU D 297 -16.64 -9.41 43.74
C GLU D 297 -16.93 -9.88 42.32
N VAL D 298 -16.74 -11.15 42.01
CA VAL D 298 -17.12 -11.70 40.72
C VAL D 298 -18.62 -11.97 40.71
N ASP D 299 -19.29 -11.63 39.60
CA ASP D 299 -20.75 -11.67 39.57
C ASP D 299 -21.33 -13.07 39.40
N HIS D 300 -20.51 -14.11 39.39
CA HIS D 300 -20.99 -15.48 39.36
C HIS D 300 -20.23 -16.30 40.40
N GLU D 301 -20.74 -17.49 40.70
CA GLU D 301 -20.18 -18.31 41.78
C GLU D 301 -18.84 -18.92 41.36
N ILE D 302 -17.84 -18.74 42.22
CA ILE D 302 -16.49 -19.26 42.05
C ILE D 302 -16.24 -20.26 43.19
N ASP D 303 -15.86 -21.49 42.85
CA ASP D 303 -15.53 -22.45 43.90
C ASP D 303 -14.04 -22.73 44.00
N GLY D 304 -13.21 -21.97 43.32
CA GLY D 304 -11.77 -22.17 43.44
C GLY D 304 -11.03 -21.50 42.30
N VAL D 305 -9.77 -21.92 42.15
CA VAL D 305 -8.89 -21.48 41.07
C VAL D 305 -8.30 -22.73 40.41
N VAL D 306 -8.36 -22.80 39.09
CA VAL D 306 -7.71 -23.88 38.37
C VAL D 306 -6.33 -23.40 37.92
N VAL D 307 -5.29 -24.15 38.30
CA VAL D 307 -3.92 -23.88 37.90
C VAL D 307 -3.56 -24.87 36.79
N LYS D 308 -3.08 -24.34 35.67
CA LYS D 308 -2.80 -25.17 34.50
C LYS D 308 -1.40 -24.90 33.97
N VAL D 309 -0.64 -25.98 33.72
CA VAL D 309 0.60 -25.82 32.97
C VAL D 309 0.25 -25.22 31.62
N ASP D 310 0.88 -24.10 31.29
CA ASP D 310 0.50 -23.32 30.12
C ASP D 310 1.00 -23.95 28.82
N GLU D 311 2.21 -24.53 28.84
CA GLU D 311 2.84 -25.09 27.64
C GLU D 311 2.15 -26.39 27.23
N VAL D 312 1.59 -26.43 26.02
CA VAL D 312 0.85 -27.60 25.56
C VAL D 312 1.76 -28.82 25.45
N ALA D 313 3.01 -28.61 25.01
CA ALA D 313 3.96 -29.72 24.95
C ALA D 313 4.20 -30.32 26.32
N LEU D 314 4.19 -29.49 27.37
CA LEU D 314 4.38 -30.05 28.70
C LEU D 314 3.13 -30.78 29.19
N GLN D 315 1.93 -30.28 28.82
CA GLN D 315 0.72 -31.03 29.14
C GLN D 315 0.78 -32.43 28.55
N ARG D 316 1.21 -32.53 27.29
CA ARG D 316 1.23 -33.82 26.60
C ARG D 316 2.21 -34.79 27.26
N ARG D 317 3.34 -34.26 27.76
CA ARG D 317 4.31 -35.08 28.47
C ARG D 317 3.78 -35.54 29.84
N LEU D 318 3.09 -34.64 30.55
CA LEU D 318 2.55 -34.96 31.87
C LEU D 318 1.37 -35.92 31.77
N GLY D 319 0.51 -35.73 30.76
CA GLY D 319 -0.55 -36.68 30.47
C GLY D 319 -1.76 -36.53 31.36
N SER D 320 -2.52 -37.63 31.45
CA SER D 320 -3.77 -37.61 32.19
C SER D 320 -4.06 -39.01 32.73
N THR D 321 -4.81 -39.06 33.82
CA THR D 321 -5.32 -40.32 34.33
C THR D 321 -6.61 -40.65 33.60
N SER D 322 -7.25 -41.75 34.02
CA SER D 322 -8.56 -42.07 33.48
C SER D 322 -9.59 -40.98 33.73
N ARG D 323 -9.41 -40.15 34.75
CA ARG D 323 -10.43 -39.17 35.08
CA ARG D 323 -10.43 -39.17 35.10
C ARG D 323 -9.95 -37.73 35.19
N ALA D 324 -8.65 -37.45 35.14
CA ALA D 324 -8.24 -36.05 35.24
C ALA D 324 -6.89 -35.82 34.57
N PRO D 325 -6.65 -34.62 34.03
CA PRO D 325 -5.30 -34.32 33.55
C PRO D 325 -4.31 -34.23 34.70
N ARG D 326 -3.09 -34.62 34.41
CA ARG D 326 -2.01 -34.50 35.40
C ARG D 326 -1.38 -33.12 35.37
N TRP D 327 -1.74 -32.29 34.39
CA TRP D 327 -1.11 -30.99 34.20
C TRP D 327 -1.94 -29.83 34.75
N ALA D 328 -2.99 -30.13 35.53
CA ALA D 328 -3.86 -29.10 36.09
C ALA D 328 -4.33 -29.55 37.45
N ILE D 329 -4.64 -28.58 38.32
CA ILE D 329 -5.24 -28.90 39.61
C ILE D 329 -6.20 -27.78 39.97
N ALA D 330 -7.31 -28.16 40.59
CA ALA D 330 -8.30 -27.20 41.07
C ALA D 330 -8.02 -26.95 42.54
N TYR D 331 -7.59 -25.74 42.87
CA TYR D 331 -7.51 -25.35 44.27
C TYR D 331 -8.89 -24.90 44.72
N LYS D 332 -9.39 -25.51 45.81
CA LYS D 332 -10.75 -25.29 46.29
C LYS D 332 -10.74 -24.42 47.55
N TYR D 333 -11.60 -23.43 47.60
CA TYR D 333 -11.71 -22.58 48.77
C TYR D 333 -12.65 -23.18 49.81
N PRO D 334 -12.40 -22.93 51.11
CA PRO D 334 -13.35 -23.27 52.19
C PRO D 334 -14.75 -22.69 51.94
#